data_8D9A
#
_entry.id   8D9A
#
_cell.length_a   75.035
_cell.length_b   92.044
_cell.length_c   96.200
_cell.angle_alpha   90.000
_cell.angle_beta   90.000
_cell.angle_gamma   90.000
#
_symmetry.space_group_name_H-M   'P 21 21 21'
#
loop_
_entity.id
_entity.type
_entity.pdbx_description
1 polymer 'Hdac6 protein'
2 non-polymer 2,3,5-trifluoro-N-hydroxybenzamide
3 non-polymer 'ZINC ION'
4 non-polymer 'POTASSIUM ION'
5 water water
#
_entity_poly.entity_id   1
_entity_poly.type   'polypeptide(L)'
_entity_poly.pdbx_seq_one_letter_code
;SNAGGSSPITGLVYDQRMMLHHNMWDSHHPELPQRISRIFSRHEELRLLSRCHRIPARLATEEELALCHSSKHISIIKSS
EHMKPRDLNRLGDEYNSIFISNESYTCALLAAGSCFNSAQAILTGQVRNAVAIVRPPGHHAEKDTACGFCFFNTAALTAR
YAQSITRESLRVLIVDWDVHHGNGTQHIFEEDDSVLYISLHRYEDGAFFPNSEDANYDKVGLGKGRGYNVNIPWNGGKMG
DPEYMAAFHHLVMPIAREFAPELVLVSAGFDAARGDPLGGFQVTPEGYAHLTHQLMSLAAGRVLIILEGGYNLTSISESM
SMCTSMLLGDSPPSLDHLTPLKTSATVSINNVLRAHAPFWSSLR
;
_entity_poly.pdbx_strand_id   A,B
#
loop_
_chem_comp.id
_chem_comp.type
_chem_comp.name
_chem_comp.formula
K non-polymer 'POTASSIUM ION' 'K 1'
QHO non-polymer 2,3,5-trifluoro-N-hydroxybenzamide 'C7 H4 F3 N O2'
ZN non-polymer 'ZINC ION' 'Zn 2'
#
# COMPACT_ATOMS: atom_id res chain seq x y z
N PRO A 8 -1.58 12.61 27.37
CA PRO A 8 -2.13 11.48 26.62
C PRO A 8 -1.58 11.46 25.19
N ILE A 9 -0.28 11.27 25.06
CA ILE A 9 0.42 11.46 23.79
C ILE A 9 0.99 10.12 23.33
N THR A 10 0.88 9.84 22.03
CA THR A 10 1.48 8.65 21.44
C THR A 10 2.68 9.08 20.60
N GLY A 11 3.83 8.48 20.84
CA GLY A 11 5.00 8.74 20.03
C GLY A 11 5.07 7.82 18.82
N LEU A 12 5.73 8.30 17.78
CA LEU A 12 5.95 7.52 16.57
C LEU A 12 7.35 7.82 16.09
N VAL A 13 8.13 6.79 15.82
CA VAL A 13 9.44 6.99 15.23
C VAL A 13 9.50 6.27 13.90
N TYR A 14 10.04 6.94 12.90
CA TYR A 14 10.22 6.40 11.57
C TYR A 14 11.30 7.24 10.91
N ASP A 15 12.23 6.58 10.24
CA ASP A 15 13.24 7.29 9.48
C ASP A 15 13.50 6.58 8.17
N GLN A 16 13.38 7.31 7.06
CA GLN A 16 13.56 6.71 5.75
C GLN A 16 14.97 6.16 5.55
N ARG A 17 15.95 6.59 6.36
CA ARG A 17 17.30 6.04 6.21
C ARG A 17 17.34 4.54 6.45
N MET A 18 16.41 3.99 7.24
CA MET A 18 16.44 2.55 7.43
C MET A 18 16.02 1.77 6.18
N MET A 19 15.52 2.44 5.14
CA MET A 19 15.32 1.68 3.89
C MET A 19 16.60 1.40 3.14
N LEU A 20 17.75 1.95 3.55
CA LEU A 20 18.97 1.79 2.75
C LEU A 20 19.53 0.36 2.82
N HIS A 21 19.30 -0.36 3.91
CA HIS A 21 19.64 -1.77 4.01
C HIS A 21 18.92 -2.57 2.93
N HIS A 22 19.67 -3.31 2.11
CA HIS A 22 19.05 -3.96 0.96
C HIS A 22 19.82 -5.21 0.57
N ASN A 23 19.16 -6.05 -0.22
CA ASN A 23 19.70 -7.34 -0.63
C ASN A 23 20.23 -7.20 -2.05
N MET A 24 21.55 -7.21 -2.20
CA MET A 24 22.06 -6.87 -3.52
C MET A 24 22.01 -8.05 -4.50
N TRP A 25 21.87 -9.29 -4.03
CA TRP A 25 21.73 -10.43 -4.93
C TRP A 25 20.28 -10.79 -5.23
N ASP A 26 19.36 -10.49 -4.30
CA ASP A 26 17.94 -10.83 -4.46
C ASP A 26 17.15 -9.59 -4.06
N SER A 27 16.94 -8.69 -5.01
CA SER A 27 16.30 -7.43 -4.72
C SER A 27 14.81 -7.58 -4.41
N HIS A 28 14.23 -8.76 -4.66
CA HIS A 28 12.84 -9.02 -4.29
C HIS A 28 12.72 -9.85 -3.00
N HIS A 29 13.81 -9.99 -2.24
CA HIS A 29 13.74 -10.64 -0.95
C HIS A 29 12.66 -9.97 -0.10
N PRO A 30 11.85 -10.73 0.63
CA PRO A 30 10.66 -10.15 1.27
C PRO A 30 10.97 -9.14 2.39
N GLU A 31 12.17 -9.14 2.96
CA GLU A 31 12.52 -8.11 3.96
C GLU A 31 12.94 -6.84 3.21
N LEU A 32 11.93 -6.17 2.63
CA LEU A 32 12.07 -5.07 1.68
C LEU A 32 12.20 -3.73 2.39
N PRO A 33 13.05 -2.87 1.83
CA PRO A 33 13.05 -1.47 2.27
C PRO A 33 11.66 -0.86 2.39
N GLN A 34 10.77 -1.14 1.45
CA GLN A 34 9.48 -0.48 1.46
C GLN A 34 8.54 -1.06 2.52
N ARG A 35 8.96 -2.07 3.28
CA ARG A 35 8.17 -2.47 4.44
C ARG A 35 7.89 -1.27 5.36
N ILE A 36 8.92 -0.48 5.66
CA ILE A 36 8.69 0.60 6.63
C ILE A 36 8.06 1.81 5.96
N SER A 37 8.42 2.11 4.70
CA SER A 37 7.79 3.27 4.05
C SER A 37 6.31 3.01 3.82
N ARG A 38 5.92 1.76 3.56
CA ARG A 38 4.51 1.47 3.37
C ARG A 38 3.72 1.66 4.66
N ILE A 39 4.27 1.19 5.78
CA ILE A 39 3.56 1.35 7.05
C ILE A 39 3.42 2.83 7.38
N PHE A 40 4.50 3.59 7.21
CA PHE A 40 4.47 5.03 7.44
C PHE A 40 3.42 5.70 6.56
N SER A 41 3.42 5.36 5.26
CA SER A 41 2.43 5.93 4.34
C SER A 41 1.01 5.63 4.78
N ARG A 42 0.75 4.40 5.25
CA ARG A 42 -0.60 4.09 5.69
C ARG A 42 -0.99 4.95 6.89
N HIS A 43 -0.02 5.28 7.74
CA HIS A 43 -0.28 6.17 8.85
C HIS A 43 -0.65 7.57 8.36
N GLU A 44 0.05 8.05 7.34
CA GLU A 44 -0.27 9.35 6.73
C GLU A 44 -1.66 9.35 6.13
N GLU A 45 -1.99 8.34 5.33
CA GLU A 45 -3.26 8.41 4.62
C GLU A 45 -4.46 8.12 5.52
N LEU A 46 -4.26 7.40 6.64
CA LEU A 46 -5.28 7.31 7.68
C LEU A 46 -5.31 8.52 8.63
N ARG A 47 -4.45 9.52 8.41
CA ARG A 47 -4.33 10.70 9.27
C ARG A 47 -4.04 10.33 10.73
N LEU A 48 -3.31 9.23 10.93
CA LEU A 48 -2.82 8.86 12.25
C LEU A 48 -1.52 9.54 12.60
N LEU A 49 -0.68 9.83 11.59
CA LEU A 49 0.62 10.42 11.83
C LEU A 49 0.50 11.77 12.53
N SER A 50 -0.42 12.62 12.05
CA SER A 50 -0.57 13.94 12.64
C SER A 50 -1.05 13.90 14.08
N ARG A 51 -1.60 12.77 14.52
CA ARG A 51 -2.08 12.64 15.90
C ARG A 51 -0.99 12.18 16.85
N CYS A 52 0.18 11.82 16.33
CA CYS A 52 1.31 11.34 17.13
C CYS A 52 2.36 12.42 17.28
N HIS A 53 3.14 12.30 18.35
CA HIS A 53 4.34 13.10 18.50
C HIS A 53 5.49 12.36 17.82
N ARG A 54 6.14 13.03 16.88
CA ARG A 54 7.21 12.40 16.13
C ARG A 54 8.48 12.36 16.99
N ILE A 55 8.97 11.16 17.28
CA ILE A 55 10.20 10.98 18.05
C ILE A 55 11.34 10.76 17.07
N PRO A 56 12.45 11.46 17.19
CA PRO A 56 13.52 11.33 16.20
C PRO A 56 14.28 10.03 16.35
N ALA A 57 14.68 9.46 15.22
CA ALA A 57 15.63 8.37 15.24
C ALA A 57 17.00 8.86 15.68
N ARG A 58 17.82 7.92 16.15
CA ARG A 58 19.24 8.18 16.36
C ARG A 58 19.98 6.86 16.19
N LEU A 59 21.30 6.96 15.99
CA LEU A 59 22.15 5.78 16.02
C LEU A 59 22.35 5.30 17.45
N ALA A 60 22.15 4.01 17.68
CA ALA A 60 22.67 3.39 18.89
C ALA A 60 24.18 3.51 18.90
N THR A 61 24.76 3.59 20.09
CA THR A 61 26.20 3.58 20.25
C THR A 61 26.70 2.15 20.45
N GLU A 62 28.00 1.96 20.19
CA GLU A 62 28.59 0.64 20.42
C GLU A 62 28.49 0.23 21.88
N GLU A 63 28.56 1.20 22.80
CA GLU A 63 28.41 0.88 24.22
C GLU A 63 27.01 0.37 24.52
N GLU A 64 26.00 0.97 23.88
CA GLU A 64 24.63 0.48 24.04
C GLU A 64 24.47 -0.91 23.44
N LEU A 65 25.11 -1.18 22.29
CA LEU A 65 25.03 -2.52 21.72
C LEU A 65 25.57 -3.56 22.67
N ALA A 66 26.58 -3.20 23.46
CA ALA A 66 27.22 -4.14 24.36
C ALA A 66 26.33 -4.53 25.53
N LEU A 67 25.19 -3.86 25.70
CA LEU A 67 24.22 -4.29 26.70
C LEU A 67 23.76 -5.71 26.46
N CYS A 68 23.74 -6.14 25.21
CA CYS A 68 23.31 -7.49 24.86
C CYS A 68 24.27 -8.24 23.95
N HIS A 69 25.20 -7.59 23.28
CA HIS A 69 25.99 -8.25 22.25
C HIS A 69 27.47 -8.25 22.58
N SER A 70 28.15 -9.29 22.10
CA SER A 70 29.58 -9.47 22.33
C SER A 70 30.38 -8.50 21.48
N SER A 71 31.59 -8.17 21.93
CA SER A 71 32.42 -7.25 21.15
C SER A 71 32.76 -7.83 19.77
N LYS A 72 32.96 -9.16 19.69
CA LYS A 72 33.28 -9.77 18.41
C LYS A 72 32.13 -9.57 17.42
N HIS A 73 30.89 -9.83 17.87
CA HIS A 73 29.74 -9.65 17.00
C HIS A 73 29.57 -8.18 16.58
N ILE A 74 29.68 -7.26 17.53
CA ILE A 74 29.56 -5.85 17.19
C ILE A 74 30.63 -5.45 16.17
N SER A 75 31.86 -5.90 16.37
CA SER A 75 32.95 -5.46 15.50
CA SER A 75 32.94 -5.45 15.50
C SER A 75 32.78 -6.00 14.08
N ILE A 76 32.36 -7.25 13.93
CA ILE A 76 32.25 -7.82 12.59
C ILE A 76 31.11 -7.17 11.82
N ILE A 77 29.96 -6.94 12.45
CA ILE A 77 28.88 -6.24 11.75
C ILE A 77 29.27 -4.80 11.46
N LYS A 78 29.92 -4.14 12.42
CA LYS A 78 30.43 -2.78 12.19
C LYS A 78 31.29 -2.73 10.94
N SER A 79 32.18 -3.71 10.77
CA SER A 79 33.13 -3.69 9.66
C SER A 79 32.45 -3.86 8.31
N SER A 80 31.22 -4.40 8.30
CA SER A 80 30.52 -4.57 7.03
C SER A 80 30.25 -3.24 6.32
N GLU A 81 30.27 -2.11 7.03
CA GLU A 81 30.06 -0.82 6.38
C GLU A 81 31.09 -0.55 5.28
N HIS A 82 32.30 -1.07 5.41
CA HIS A 82 33.38 -0.80 4.46
C HIS A 82 33.78 -2.02 3.66
N MET A 83 32.97 -3.07 3.72
CA MET A 83 33.24 -4.35 3.09
C MET A 83 33.01 -4.27 1.59
N LYS A 84 33.80 -5.05 0.84
CA LYS A 84 33.58 -5.24 -0.58
C LYS A 84 32.42 -6.20 -0.80
N PRO A 85 31.78 -6.16 -1.98
CA PRO A 85 30.65 -7.07 -2.23
C PRO A 85 30.95 -8.53 -1.91
N ARG A 86 32.11 -9.04 -2.33
CA ARG A 86 32.40 -10.44 -2.03
C ARG A 86 32.48 -10.67 -0.52
N ASP A 87 33.08 -9.72 0.21
CA ASP A 87 33.12 -9.81 1.66
C ASP A 87 31.72 -9.83 2.25
N LEU A 88 30.83 -9.00 1.71
CA LEU A 88 29.45 -8.91 2.19
C LEU A 88 28.70 -10.21 1.93
N ASN A 89 28.86 -10.78 0.73
CA ASN A 89 28.20 -12.03 0.39
C ASN A 89 28.67 -13.15 1.31
N ARG A 90 29.98 -13.30 1.44
CA ARG A 90 30.51 -14.39 2.25
C ARG A 90 30.13 -14.23 3.71
N LEU A 91 30.20 -13.01 4.24
CA LEU A 91 29.86 -12.82 5.65
C LEU A 91 28.40 -13.16 5.91
N GLY A 92 27.50 -12.62 5.08
CA GLY A 92 26.09 -12.96 5.23
C GLY A 92 25.86 -14.46 5.16
N ASP A 93 26.60 -15.15 4.31
CA ASP A 93 26.40 -16.59 4.18
C ASP A 93 26.96 -17.38 5.36
N GLU A 94 27.68 -16.75 6.28
CA GLU A 94 28.09 -17.41 7.51
C GLU A 94 26.95 -17.57 8.50
N TYR A 95 25.87 -16.79 8.34
CA TYR A 95 24.75 -16.80 9.26
C TYR A 95 23.56 -17.52 8.63
N ASN A 96 22.60 -17.84 9.48
CA ASN A 96 21.33 -18.42 9.04
C ASN A 96 20.45 -17.27 8.54
N SER A 97 20.25 -17.19 7.23
CA SER A 97 19.28 -16.28 6.59
C SER A 97 19.60 -14.80 6.85
N ILE A 98 20.75 -14.36 6.36
CA ILE A 98 21.17 -12.97 6.50
C ILE A 98 21.65 -12.47 5.15
N PHE A 99 21.21 -11.27 4.76
CA PHE A 99 21.88 -10.53 3.70
C PHE A 99 22.40 -9.21 4.27
N ILE A 100 23.53 -8.74 3.73
CA ILE A 100 24.20 -7.55 4.25
C ILE A 100 24.56 -6.65 3.08
N SER A 101 24.38 -5.34 3.26
CA SER A 101 24.88 -4.31 2.36
C SER A 101 25.71 -3.32 3.16
N ASN A 102 26.34 -2.36 2.47
CA ASN A 102 27.19 -1.41 3.17
C ASN A 102 26.42 -0.50 4.12
N GLU A 103 25.09 -0.48 4.04
CA GLU A 103 24.25 0.35 4.88
C GLU A 103 23.60 -0.41 6.02
N SER A 104 23.78 -1.73 6.08
CA SER A 104 23.05 -2.56 7.05
C SER A 104 23.41 -2.19 8.48
N TYR A 105 24.69 -2.01 8.77
CA TYR A 105 25.10 -1.67 10.13
C TYR A 105 24.42 -0.40 10.60
N THR A 106 24.53 0.67 9.81
CA THR A 106 23.89 1.93 10.17
C THR A 106 22.37 1.76 10.32
N CYS A 107 21.74 0.98 9.43
CA CYS A 107 20.30 0.78 9.58
C CYS A 107 19.96 0.06 10.87
N ALA A 108 20.74 -0.97 11.23
CA ALA A 108 20.51 -1.68 12.49
C ALA A 108 20.71 -0.74 13.69
N LEU A 109 21.72 0.14 13.61
CA LEU A 109 21.93 1.10 14.69
C LEU A 109 20.76 2.06 14.81
N LEU A 110 20.20 2.50 13.68
CA LEU A 110 19.06 3.41 13.67
C LEU A 110 17.81 2.75 14.23
N ALA A 111 17.61 1.46 13.91
CA ALA A 111 16.45 0.75 14.45
C ALA A 111 16.52 0.68 15.97
N ALA A 112 17.70 0.34 16.49
CA ALA A 112 17.88 0.24 17.94
C ALA A 112 17.77 1.61 18.61
N GLY A 113 18.47 2.61 18.08
CA GLY A 113 18.43 3.93 18.70
C GLY A 113 17.08 4.59 18.63
N SER A 114 16.31 4.29 17.58
CA SER A 114 14.93 4.78 17.49
C SER A 114 14.10 4.24 18.64
N CYS A 115 14.29 2.98 18.98
CA CYS A 115 13.55 2.38 20.07
C CYS A 115 14.03 2.89 21.42
N PHE A 116 15.33 3.17 21.56
CA PHE A 116 15.82 3.76 22.80
C PHE A 116 15.19 5.12 23.03
N ASN A 117 15.17 5.97 21.99
CA ASN A 117 14.55 7.28 22.16
C ASN A 117 13.09 7.13 22.53
N SER A 118 12.41 6.13 21.95
CA SER A 118 11.00 5.92 22.24
C SER A 118 10.81 5.41 23.68
N ALA A 119 11.65 4.47 24.11
CA ALA A 119 11.56 4.01 25.50
C ALA A 119 11.85 5.14 26.47
N GLN A 120 12.85 5.97 26.16
CA GLN A 120 13.17 7.12 27.00
C GLN A 120 12.00 8.09 27.09
N ALA A 121 11.31 8.32 25.96
CA ALA A 121 10.19 9.26 25.96
C ALA A 121 9.04 8.71 26.79
N ILE A 122 8.86 7.39 26.79
CA ILE A 122 7.83 6.77 27.63
C ILE A 122 8.22 6.85 29.09
N LEU A 123 9.47 6.49 29.41
CA LEU A 123 9.87 6.40 30.82
C LEU A 123 10.07 7.77 31.46
N THR A 124 10.27 8.82 30.68
CA THR A 124 10.35 10.17 31.24
C THR A 124 9.01 10.87 31.23
N GLY A 125 7.96 10.20 30.80
CA GLY A 125 6.62 10.74 30.82
C GLY A 125 6.28 11.73 29.71
N GLN A 126 7.12 11.82 28.67
CA GLN A 126 6.82 12.73 27.57
C GLN A 126 5.76 12.18 26.63
N VAL A 127 5.70 10.85 26.49
CA VAL A 127 4.60 10.19 25.81
C VAL A 127 4.09 9.05 26.69
N ARG A 128 2.83 8.68 26.47
CA ARG A 128 2.26 7.55 27.20
C ARG A 128 2.72 6.22 26.58
N ASN A 129 2.76 6.15 25.26
CA ASN A 129 3.09 4.92 24.55
C ASN A 129 3.70 5.34 23.22
N ALA A 130 4.15 4.36 22.43
CA ALA A 130 4.82 4.73 21.20
C ALA A 130 4.86 3.54 20.26
N VAL A 131 5.08 3.85 18.98
CA VAL A 131 5.21 2.86 17.94
C VAL A 131 6.50 3.14 17.17
N ALA A 132 7.24 2.09 16.83
CA ALA A 132 8.55 2.19 16.20
C ALA A 132 8.52 1.43 14.87
N ILE A 133 8.59 2.17 13.77
CA ILE A 133 8.48 1.62 12.42
C ILE A 133 9.91 1.51 11.92
N VAL A 134 10.54 0.37 12.19
CA VAL A 134 11.99 0.20 12.04
C VAL A 134 12.30 -1.08 11.29
N ARG A 135 13.45 -1.08 10.61
CA ARG A 135 14.06 -2.28 10.04
C ARG A 135 15.56 -2.04 9.97
N PRO A 136 16.37 -3.11 9.87
CA PRO A 136 16.06 -4.55 9.93
C PRO A 136 15.49 -4.93 11.29
N PRO A 137 14.79 -6.06 11.33
CA PRO A 137 14.23 -6.57 12.60
C PRO A 137 15.29 -7.03 13.59
N GLY A 138 14.85 -7.50 14.77
CA GLY A 138 15.83 -7.81 15.80
C GLY A 138 15.71 -9.13 16.53
N HIS A 139 14.54 -9.78 16.56
CA HIS A 139 14.34 -10.74 17.64
C HIS A 139 15.07 -12.06 17.44
N HIS A 140 15.56 -12.34 16.23
CA HIS A 140 16.37 -13.53 16.00
C HIS A 140 17.83 -13.32 16.34
N ALA A 141 18.26 -12.08 16.52
CA ALA A 141 19.68 -11.79 16.77
C ALA A 141 20.10 -12.27 18.16
N GLU A 142 21.23 -12.95 18.22
CA GLU A 142 21.76 -13.51 19.45
C GLU A 142 22.89 -12.62 19.98
N LYS A 143 23.29 -12.88 21.22
CA LYS A 143 24.40 -12.15 21.82
C LYS A 143 25.58 -12.11 20.86
N ASP A 144 25.90 -13.26 20.26
CA ASP A 144 27.14 -13.40 19.50
C ASP A 144 26.92 -13.66 18.01
N THR A 145 25.69 -13.60 17.50
CA THR A 145 25.53 -13.87 16.07
C THR A 145 24.30 -13.19 15.49
N ALA A 146 24.34 -12.95 14.19
CA ALA A 146 23.19 -12.49 13.43
C ALA A 146 22.38 -13.68 12.95
N CYS A 147 21.08 -13.47 12.72
CA CYS A 147 20.22 -14.59 12.36
C CYS A 147 18.89 -14.05 11.88
N GLY A 148 18.32 -14.70 10.85
CA GLY A 148 16.94 -14.47 10.46
C GLY A 148 16.61 -13.02 10.16
N PHE A 149 17.41 -12.38 9.32
CA PHE A 149 17.25 -11.00 8.87
C PHE A 149 17.59 -9.98 9.96
N CYS A 150 18.12 -10.42 11.10
CA CYS A 150 18.34 -9.56 12.27
C CYS A 150 19.82 -9.49 12.60
N PHE A 151 20.32 -8.29 12.84
CA PHE A 151 21.72 -8.06 13.23
C PHE A 151 21.91 -7.86 14.73
N PHE A 152 21.11 -6.97 15.31
CA PHE A 152 21.15 -6.71 16.75
C PHE A 152 19.73 -6.83 17.26
N ASN A 153 19.61 -7.26 18.52
CA ASN A 153 18.29 -7.56 19.04
C ASN A 153 17.69 -6.29 19.62
N THR A 154 17.01 -5.55 18.75
CA THR A 154 16.45 -4.25 19.07
C THR A 154 15.59 -4.28 20.33
N ALA A 155 14.66 -5.23 20.43
CA ALA A 155 13.79 -5.29 21.60
C ALA A 155 14.58 -5.60 22.87
N ALA A 156 15.48 -6.58 22.81
CA ALA A 156 16.28 -6.92 23.98
C ALA A 156 17.14 -5.74 24.41
N LEU A 157 17.77 -5.06 23.45
CA LEU A 157 18.57 -3.89 23.76
C LEU A 157 17.72 -2.79 24.39
N THR A 158 16.49 -2.61 23.90
CA THR A 158 15.63 -1.56 24.45
C THR A 158 15.26 -1.88 25.89
N ALA A 159 15.03 -3.16 26.19
CA ALA A 159 14.74 -3.54 27.57
C ALA A 159 15.91 -3.19 28.48
N ARG A 160 17.14 -3.55 28.07
CA ARG A 160 18.33 -3.22 28.86
C ARG A 160 18.61 -1.72 28.88
N TYR A 161 18.36 -1.02 27.77
CA TYR A 161 18.49 0.43 27.79
C TYR A 161 17.52 1.05 28.80
N ALA A 162 16.28 0.57 28.81
CA ALA A 162 15.29 1.06 29.76
C ALA A 162 15.77 0.88 31.19
N GLN A 163 16.30 -0.31 31.51
CA GLN A 163 16.86 -0.53 32.84
C GLN A 163 18.04 0.40 33.11
N SER A 164 18.82 0.72 32.09
CA SER A 164 20.02 1.52 32.31
C SER A 164 19.67 2.97 32.66
N ILE A 165 18.50 3.47 32.24
CA ILE A 165 18.12 4.85 32.55
C ILE A 165 17.07 4.94 33.65
N THR A 166 16.70 3.81 34.25
CA THR A 166 15.81 3.79 35.40
C THR A 166 16.49 3.04 36.54
N ARG A 167 16.20 1.75 36.69
CA ARG A 167 16.94 0.91 37.63
C ARG A 167 17.15 -0.46 37.02
N GLU A 168 18.25 -1.11 37.42
CA GLU A 168 18.64 -2.38 36.81
C GLU A 168 17.53 -3.42 36.86
N SER A 169 16.69 -3.39 37.88
CA SER A 169 15.66 -4.41 38.06
C SER A 169 14.30 -4.00 37.51
N LEU A 170 14.22 -2.91 36.74
CA LEU A 170 12.96 -2.48 36.17
C LEU A 170 12.29 -3.64 35.42
N ARG A 171 11.03 -3.91 35.75
CA ARG A 171 10.34 -5.07 35.21
C ARG A 171 9.86 -4.74 33.79
N VAL A 172 10.44 -5.42 32.81
CA VAL A 172 10.08 -5.23 31.41
C VAL A 172 9.42 -6.50 30.94
N LEU A 173 8.21 -6.38 30.38
CA LEU A 173 7.56 -7.48 29.69
C LEU A 173 7.78 -7.31 28.20
N ILE A 174 8.24 -8.38 27.54
CA ILE A 174 8.35 -8.42 26.09
C ILE A 174 7.33 -9.44 25.57
N VAL A 175 6.35 -8.96 24.82
CA VAL A 175 5.39 -9.83 24.16
C VAL A 175 5.78 -9.92 22.70
N ASP A 176 6.06 -11.12 22.22
CA ASP A 176 6.57 -11.31 20.86
C ASP A 176 5.48 -12.00 20.06
N TRP A 177 4.71 -11.24 19.28
CA TRP A 177 3.65 -11.86 18.49
C TRP A 177 4.00 -11.99 17.02
N ASP A 178 5.25 -11.72 16.64
CA ASP A 178 5.77 -12.19 15.37
C ASP A 178 5.47 -13.69 15.24
N VAL A 179 5.20 -14.15 14.02
CA VAL A 179 4.81 -15.56 13.88
C VAL A 179 5.97 -16.49 14.20
N HIS A 180 7.20 -15.98 14.20
CA HIS A 180 8.38 -16.79 14.52
C HIS A 180 8.81 -16.60 15.96
N HIS A 181 9.38 -17.65 16.53
CA HIS A 181 9.93 -17.57 17.88
C HIS A 181 11.12 -16.63 17.90
N GLY A 182 11.16 -15.73 18.89
CA GLY A 182 12.31 -14.86 19.03
C GLY A 182 13.43 -15.54 19.79
N ASN A 183 14.15 -16.42 19.10
CA ASN A 183 15.19 -17.23 19.75
C ASN A 183 16.21 -16.33 20.46
N GLY A 184 16.63 -15.26 19.80
CA GLY A 184 17.62 -14.37 20.41
C GLY A 184 17.10 -13.72 21.67
N THR A 185 15.85 -13.26 21.67
CA THR A 185 15.31 -12.63 22.86
C THR A 185 15.19 -13.63 24.00
N GLN A 186 14.71 -14.84 23.70
CA GLN A 186 14.64 -15.86 24.75
C GLN A 186 16.00 -16.09 25.36
N HIS A 187 17.01 -16.33 24.53
CA HIS A 187 18.34 -16.64 25.03
C HIS A 187 18.93 -15.49 25.82
N ILE A 188 18.74 -14.25 25.34
CA ILE A 188 19.35 -13.11 26.02
C ILE A 188 18.82 -12.99 27.45
N PHE A 189 17.53 -13.29 27.66
CA PHE A 189 16.94 -13.15 28.99
C PHE A 189 16.63 -14.48 29.66
N GLU A 190 17.23 -15.58 29.18
N GLU A 190 17.20 -15.59 29.15
CA GLU A 190 16.86 -16.90 29.69
CA GLU A 190 16.91 -16.91 29.69
C GLU A 190 17.10 -17.03 31.19
C GLU A 190 17.07 -16.96 31.20
N GLU A 191 18.13 -16.36 31.73
CA GLU A 191 18.44 -16.44 33.15
C GLU A 191 17.98 -15.21 33.93
N ASP A 192 17.05 -14.44 33.37
CA ASP A 192 16.71 -13.14 33.90
C ASP A 192 15.26 -13.13 34.38
N ASP A 193 15.04 -12.69 35.61
CA ASP A 193 13.69 -12.55 36.14
C ASP A 193 13.19 -11.11 36.08
N SER A 194 14.00 -10.17 35.57
CA SER A 194 13.53 -8.80 35.42
C SER A 194 12.90 -8.55 34.06
N VAL A 195 13.11 -9.43 33.10
CA VAL A 195 12.55 -9.31 31.77
C VAL A 195 11.77 -10.59 31.48
N LEU A 196 10.45 -10.47 31.52
CA LEU A 196 9.57 -11.59 31.22
C LEU A 196 9.35 -11.63 29.72
N TYR A 197 9.70 -12.76 29.09
CA TYR A 197 9.58 -12.94 27.66
C TYR A 197 8.40 -13.86 27.40
N ILE A 198 7.41 -13.40 26.65
CA ILE A 198 6.28 -14.22 26.23
C ILE A 198 6.23 -14.20 24.72
N SER A 199 6.36 -15.37 24.09
CA SER A 199 6.31 -15.50 22.65
C SER A 199 5.17 -16.42 22.25
N LEU A 200 4.38 -15.99 21.25
CA LEU A 200 3.48 -16.85 20.51
C LEU A 200 4.08 -17.08 19.14
N HIS A 201 4.04 -18.33 18.66
CA HIS A 201 4.74 -18.60 17.41
C HIS A 201 4.28 -19.91 16.80
N ARG A 202 4.29 -19.94 15.47
CA ARG A 202 4.12 -21.19 14.75
C ARG A 202 5.33 -22.07 15.01
N TYR A 203 5.09 -23.28 15.50
CA TYR A 203 6.16 -24.18 15.92
C TYR A 203 6.23 -25.44 15.08
N GLU A 204 5.11 -26.15 14.95
CA GLU A 204 5.03 -27.34 14.11
C GLU A 204 6.05 -28.38 14.55
N ASP A 205 6.08 -28.64 15.85
CA ASP A 205 6.99 -29.63 16.44
C ASP A 205 8.44 -29.34 16.10
N GLY A 206 8.80 -28.06 15.97
CA GLY A 206 10.15 -27.68 15.66
C GLY A 206 10.49 -27.56 14.19
N ALA A 207 9.52 -27.76 13.29
CA ALA A 207 9.82 -27.72 11.87
C ALA A 207 9.78 -26.31 11.28
N PHE A 208 9.15 -25.35 11.96
CA PHE A 208 9.02 -24.00 11.43
C PHE A 208 10.21 -23.16 11.84
N PHE A 209 10.64 -22.25 10.97
CA PHE A 209 11.77 -21.36 11.27
C PHE A 209 11.54 -20.68 12.62
N PRO A 210 12.57 -20.57 13.48
CA PRO A 210 13.99 -20.89 13.29
C PRO A 210 14.39 -22.34 13.57
N ASN A 211 13.43 -23.27 13.58
CA ASN A 211 13.70 -24.71 13.48
C ASN A 211 14.40 -25.25 14.73
N SER A 212 13.96 -24.82 15.91
CA SER A 212 14.62 -25.23 17.14
C SER A 212 13.59 -25.60 18.20
N GLU A 213 13.84 -26.70 18.91
CA GLU A 213 12.99 -27.06 20.05
C GLU A 213 13.14 -26.10 21.22
N ASP A 214 14.07 -25.15 21.17
CA ASP A 214 14.06 -24.08 22.17
C ASP A 214 12.73 -23.35 22.24
N ALA A 215 11.92 -23.43 21.20
CA ALA A 215 10.67 -22.68 21.14
C ALA A 215 9.50 -23.41 21.80
N ASN A 216 9.71 -24.63 22.31
CA ASN A 216 8.59 -25.39 22.85
C ASN A 216 8.17 -24.87 24.23
N TYR A 217 6.98 -25.30 24.67
CA TYR A 217 6.38 -24.74 25.88
C TYR A 217 7.13 -25.16 27.15
N ASP A 218 7.98 -26.18 27.08
CA ASP A 218 8.64 -26.63 28.30
C ASP A 218 9.90 -25.83 28.60
N LYS A 219 10.24 -24.85 27.77
CA LYS A 219 11.37 -23.98 28.07
C LYS A 219 10.82 -22.80 28.86
N VAL A 220 10.95 -22.87 30.19
CA VAL A 220 10.30 -21.94 31.09
C VAL A 220 11.29 -20.94 31.69
N GLY A 221 12.54 -20.98 31.25
CA GLY A 221 13.59 -20.15 31.80
C GLY A 221 14.58 -20.97 32.62
N LEU A 222 15.75 -20.38 32.87
CA LEU A 222 16.83 -21.07 33.54
C LEU A 222 17.32 -20.27 34.74
N GLY A 223 17.75 -20.98 35.78
CA GLY A 223 18.32 -20.29 36.94
C GLY A 223 17.33 -19.32 37.57
N LYS A 224 17.79 -18.09 37.79
CA LYS A 224 16.95 -17.04 38.34
C LYS A 224 15.76 -16.75 37.44
N GLY A 225 15.85 -17.08 36.16
CA GLY A 225 14.79 -16.83 35.21
C GLY A 225 13.76 -17.92 35.10
N ARG A 226 13.78 -18.93 35.97
CA ARG A 226 12.79 -19.99 35.84
C ARG A 226 11.38 -19.43 36.07
N GLY A 227 10.51 -19.65 35.08
CA GLY A 227 9.17 -19.10 35.08
C GLY A 227 9.02 -17.83 34.30
N TYR A 228 10.13 -17.20 33.90
CA TYR A 228 10.07 -15.90 33.24
C TYR A 228 10.29 -16.01 31.74
N ASN A 229 10.12 -17.20 31.18
CA ASN A 229 10.13 -17.43 29.74
C ASN A 229 8.89 -18.25 29.41
N VAL A 230 8.01 -17.69 28.59
CA VAL A 230 6.71 -18.30 28.29
C VAL A 230 6.62 -18.48 26.78
N ASN A 231 6.70 -19.72 26.32
CA ASN A 231 6.57 -20.05 24.90
C ASN A 231 5.17 -20.61 24.66
N ILE A 232 4.46 -20.01 23.71
CA ILE A 232 3.14 -20.51 23.31
C ILE A 232 3.27 -21.02 21.89
N PRO A 233 3.58 -22.30 21.69
CA PRO A 233 3.85 -22.81 20.34
C PRO A 233 2.62 -23.40 19.68
N TRP A 234 2.35 -23.02 18.43
CA TRP A 234 1.21 -23.51 17.66
C TRP A 234 1.61 -24.67 16.76
N ASN A 235 0.76 -25.70 16.72
CA ASN A 235 0.98 -26.85 15.86
C ASN A 235 -0.29 -27.19 15.11
N GLY A 236 -0.14 -27.52 13.83
CA GLY A 236 -1.21 -28.11 13.05
C GLY A 236 -2.49 -27.29 13.01
N GLY A 237 -2.41 -26.09 12.44
CA GLY A 237 -3.60 -25.28 12.24
C GLY A 237 -3.24 -23.89 11.73
N LYS A 238 -4.07 -23.35 10.85
CA LYS A 238 -3.90 -21.97 10.39
CA LYS A 238 -3.90 -21.97 10.39
C LYS A 238 -4.51 -21.07 11.46
N MET A 239 -3.69 -20.73 12.46
CA MET A 239 -4.18 -19.99 13.61
C MET A 239 -4.52 -18.54 13.24
N GLY A 240 -5.46 -17.99 13.96
CA GLY A 240 -5.94 -16.64 13.72
C GLY A 240 -6.47 -16.02 14.99
N ASP A 241 -7.38 -15.05 14.80
CA ASP A 241 -7.88 -14.26 15.92
C ASP A 241 -8.44 -15.09 17.06
N PRO A 242 -9.26 -16.12 16.84
CA PRO A 242 -9.75 -16.89 18.00
C PRO A 242 -8.62 -17.45 18.85
N GLU A 243 -7.60 -18.01 18.20
CA GLU A 243 -6.52 -18.67 18.95
C GLU A 243 -5.68 -17.65 19.71
N TYR A 244 -5.38 -16.52 19.07
CA TYR A 244 -4.57 -15.51 19.74
C TYR A 244 -5.33 -14.87 20.88
N MET A 245 -6.63 -14.61 20.69
CA MET A 245 -7.41 -14.05 21.78
C MET A 245 -7.51 -15.03 22.95
N ALA A 246 -7.64 -16.32 22.64
CA ALA A 246 -7.69 -17.35 23.67
C ALA A 246 -6.38 -17.40 24.44
N ALA A 247 -5.26 -17.38 23.73
CA ALA A 247 -3.95 -17.40 24.40
C ALA A 247 -3.77 -16.15 25.26
N PHE A 248 -4.28 -15.00 24.81
CA PHE A 248 -4.16 -13.80 25.64
C PHE A 248 -5.03 -13.91 26.89
N HIS A 249 -6.22 -14.51 26.76
CA HIS A 249 -7.13 -14.59 27.91
C HIS A 249 -6.60 -15.55 28.96
N HIS A 250 -6.11 -16.71 28.53
CA HIS A 250 -5.73 -17.76 29.46
C HIS A 250 -4.28 -17.64 29.93
N LEU A 251 -3.39 -17.05 29.13
CA LEU A 251 -1.96 -17.09 29.42
C LEU A 251 -1.35 -15.70 29.49
N VAL A 252 -1.31 -14.97 28.38
CA VAL A 252 -0.51 -13.73 28.32
C VAL A 252 -0.97 -12.76 29.40
N MET A 253 -2.27 -12.59 29.54
CA MET A 253 -2.71 -11.43 30.28
C MET A 253 -2.67 -11.81 31.77
N PRO A 254 -3.16 -13.01 32.16
CA PRO A 254 -2.98 -13.41 33.57
C PRO A 254 -1.53 -13.38 34.02
N ILE A 255 -0.60 -13.94 33.23
CA ILE A 255 0.81 -13.94 33.62
C ILE A 255 1.32 -12.50 33.68
N ALA A 256 1.06 -11.70 32.65
CA ALA A 256 1.56 -10.33 32.64
C ALA A 256 1.06 -9.54 33.84
N ARG A 257 -0.22 -9.67 34.17
N ARG A 257 -0.22 -9.69 34.17
CA ARG A 257 -0.76 -8.96 35.32
CA ARG A 257 -0.77 -8.96 35.32
C ARG A 257 -0.05 -9.35 36.61
C ARG A 257 -0.05 -9.35 36.62
N GLU A 258 0.23 -10.64 36.79
CA GLU A 258 0.92 -11.07 38.00
C GLU A 258 2.34 -10.52 38.05
N PHE A 259 3.00 -10.46 36.88
CA PHE A 259 4.37 -9.93 36.80
C PHE A 259 4.40 -8.43 37.10
N ALA A 260 3.35 -7.70 36.72
CA ALA A 260 3.21 -6.27 36.94
C ALA A 260 4.36 -5.53 36.28
N PRO A 261 4.47 -5.59 34.96
CA PRO A 261 5.56 -4.88 34.28
C PRO A 261 5.46 -3.38 34.52
N GLU A 262 6.61 -2.73 34.50
CA GLU A 262 6.71 -1.27 34.50
C GLU A 262 6.91 -0.72 33.09
N LEU A 263 7.17 -1.60 32.13
CA LEU A 263 7.29 -1.23 30.74
C LEU A 263 6.95 -2.46 29.91
N VAL A 264 6.18 -2.27 28.85
CA VAL A 264 5.81 -3.34 27.95
C VAL A 264 6.41 -3.03 26.59
N LEU A 265 7.20 -3.96 26.07
CA LEU A 265 7.68 -3.92 24.70
C LEU A 265 6.97 -4.99 23.89
N VAL A 266 6.51 -4.62 22.70
CA VAL A 266 5.91 -5.61 21.81
C VAL A 266 6.89 -5.86 20.68
N SER A 267 7.40 -7.08 20.59
CA SER A 267 8.07 -7.48 19.37
C SER A 267 6.96 -7.77 18.37
N ALA A 268 6.57 -6.74 17.63
CA ALA A 268 5.38 -6.76 16.80
C ALA A 268 5.75 -7.05 15.35
N GLY A 269 6.04 -8.32 15.06
CA GLY A 269 6.01 -8.76 13.68
C GLY A 269 4.57 -8.90 13.23
N PHE A 270 4.33 -8.68 11.94
CA PHE A 270 2.98 -8.86 11.42
C PHE A 270 2.97 -9.96 10.36
N ASP A 271 3.80 -11.00 10.57
CA ASP A 271 3.81 -12.14 9.67
C ASP A 271 2.86 -13.25 10.10
N ALA A 272 2.17 -13.12 11.24
CA ALA A 272 1.04 -14.00 11.46
C ALA A 272 -0.23 -13.46 10.80
N ALA A 273 -0.12 -12.36 10.06
CA ALA A 273 -1.29 -11.71 9.45
C ALA A 273 -1.85 -12.49 8.27
N ARG A 274 -3.17 -12.44 8.15
CA ARG A 274 -3.82 -12.87 6.92
C ARG A 274 -3.13 -12.23 5.73
N GLY A 275 -2.75 -13.05 4.77
CA GLY A 275 -2.11 -12.57 3.56
C GLY A 275 -0.59 -12.63 3.56
N ASP A 276 0.04 -12.89 4.70
CA ASP A 276 1.49 -12.97 4.74
C ASP A 276 1.95 -14.11 3.83
N PRO A 277 2.99 -13.89 3.00
CA PRO A 277 3.45 -14.96 2.11
C PRO A 277 4.22 -16.07 2.82
N LEU A 278 4.60 -15.88 4.08
CA LEU A 278 5.48 -16.80 4.81
C LEU A 278 4.86 -17.43 6.04
N GLY A 279 4.05 -16.67 6.79
CA GLY A 279 3.60 -17.16 8.08
C GLY A 279 2.53 -18.23 7.99
N GLY A 280 1.63 -18.11 7.02
CA GLY A 280 0.55 -19.07 6.85
C GLY A 280 -0.59 -18.96 7.85
N PHE A 281 -0.70 -17.86 8.56
CA PHE A 281 -1.71 -17.64 9.59
C PHE A 281 -2.70 -16.58 9.11
N GLN A 282 -3.69 -16.29 9.94
CA GLN A 282 -4.77 -15.40 9.48
C GLN A 282 -5.23 -14.47 10.59
N VAL A 283 -4.30 -13.92 11.37
CA VAL A 283 -4.66 -12.85 12.28
C VAL A 283 -5.05 -11.62 11.48
N THR A 284 -6.13 -10.96 11.86
CA THR A 284 -6.63 -9.82 11.12
C THR A 284 -6.13 -8.52 11.73
N PRO A 285 -6.23 -7.39 11.01
CA PRO A 285 -5.86 -6.12 11.63
C PRO A 285 -6.66 -5.85 12.90
N GLU A 286 -7.95 -6.20 12.89
CA GLU A 286 -8.76 -6.02 14.10
C GLU A 286 -8.27 -6.92 15.23
N GLY A 287 -7.76 -8.09 14.91
CA GLY A 287 -7.18 -8.95 15.94
C GLY A 287 -5.98 -8.31 16.59
N TYR A 288 -5.06 -7.79 15.78
CA TYR A 288 -3.90 -7.07 16.33
C TYR A 288 -4.33 -5.85 17.13
N ALA A 289 -5.40 -5.17 16.69
CA ALA A 289 -5.92 -4.06 17.49
C ALA A 289 -6.37 -4.54 18.86
N HIS A 290 -7.05 -5.69 18.91
CA HIS A 290 -7.49 -6.19 20.22
C HIS A 290 -6.32 -6.63 21.08
N LEU A 291 -5.32 -7.29 20.48
CA LEU A 291 -4.14 -7.63 21.27
C LEU A 291 -3.48 -6.37 21.84
N THR A 292 -3.36 -5.33 21.02
CA THR A 292 -2.78 -4.07 21.48
C THR A 292 -3.61 -3.48 22.62
N HIS A 293 -4.92 -3.45 22.44
CA HIS A 293 -5.79 -2.84 23.43
C HIS A 293 -5.65 -3.52 24.79
N GLN A 294 -5.49 -4.85 24.78
CA GLN A 294 -5.31 -5.60 26.02
C GLN A 294 -3.99 -5.23 26.69
N LEU A 295 -2.91 -5.15 25.91
CA LEU A 295 -1.63 -4.84 26.53
C LEU A 295 -1.61 -3.42 27.11
N MET A 296 -2.43 -2.48 26.59
CA MET A 296 -2.36 -1.15 27.17
C MET A 296 -2.97 -1.08 28.56
N SER A 297 -3.64 -2.15 29.03
CA SER A 297 -4.08 -2.21 30.41
C SER A 297 -2.94 -2.52 31.38
N LEU A 298 -1.73 -2.79 30.89
CA LEU A 298 -0.57 -3.07 31.72
C LEU A 298 0.36 -1.87 31.81
N ALA A 299 1.22 -1.90 32.83
CA ALA A 299 2.32 -0.94 32.98
C ALA A 299 1.83 0.51 32.93
N ALA A 300 0.62 0.77 33.41
CA ALA A 300 0.04 2.11 33.39
C ALA A 300 0.01 2.66 31.97
N GLY A 301 -0.15 1.77 30.99
CA GLY A 301 -0.24 2.14 29.59
C GLY A 301 1.09 2.28 28.88
N ARG A 302 2.21 2.00 29.54
CA ARG A 302 3.53 2.27 28.98
C ARG A 302 3.91 1.13 28.04
N VAL A 303 3.49 1.26 26.78
CA VAL A 303 3.63 0.23 25.76
C VAL A 303 4.43 0.82 24.59
N LEU A 304 5.46 0.10 24.13
CA LEU A 304 6.19 0.43 22.93
C LEU A 304 6.04 -0.70 21.92
N ILE A 305 5.52 -0.40 20.74
CA ILE A 305 5.30 -1.38 19.69
C ILE A 305 6.46 -1.29 18.70
N ILE A 306 7.22 -2.38 18.57
CA ILE A 306 8.44 -2.43 17.74
C ILE A 306 8.21 -3.37 16.55
N LEU A 307 8.37 -2.84 15.34
CA LEU A 307 8.20 -3.67 14.14
C LEU A 307 9.28 -4.76 14.09
N GLU A 308 8.83 -6.00 13.91
CA GLU A 308 9.75 -7.11 13.67
C GLU A 308 9.57 -7.57 12.22
N GLY A 309 9.02 -8.74 11.99
CA GLY A 309 8.80 -9.24 10.63
C GLY A 309 7.43 -8.86 10.09
N GLY A 310 7.01 -9.59 9.08
CA GLY A 310 5.77 -9.25 8.40
C GLY A 310 6.09 -8.80 6.99
N TYR A 311 5.57 -9.53 6.00
CA TYR A 311 6.07 -9.43 4.62
C TYR A 311 5.01 -9.14 3.55
N ASN A 312 3.72 -9.11 3.88
CA ASN A 312 2.71 -8.60 2.95
C ASN A 312 2.56 -7.12 3.22
N LEU A 313 3.04 -6.28 2.28
CA LEU A 313 3.12 -4.85 2.52
C LEU A 313 1.76 -4.27 2.89
N THR A 314 0.69 -4.76 2.26
CA THR A 314 -0.63 -4.25 2.59
C THR A 314 -1.07 -4.72 3.97
N SER A 315 -0.82 -6.00 4.29
CA SER A 315 -1.21 -6.54 5.58
CA SER A 315 -1.23 -6.54 5.58
C SER A 315 -0.48 -5.87 6.73
N ILE A 316 0.83 -5.69 6.60
CA ILE A 316 1.56 -5.09 7.72
C ILE A 316 1.19 -3.62 7.88
N SER A 317 0.87 -2.95 6.77
CA SER A 317 0.50 -1.54 6.86
C SER A 317 -0.85 -1.36 7.54
N GLU A 318 -1.83 -2.16 7.12
CA GLU A 318 -3.13 -2.14 7.81
C GLU A 318 -2.99 -2.56 9.27
N SER A 319 -2.20 -3.60 9.54
CA SER A 319 -2.16 -4.16 10.89
C SER A 319 -1.46 -3.23 11.85
N MET A 320 -0.29 -2.73 11.48
CA MET A 320 0.42 -1.88 12.41
C MET A 320 -0.32 -0.56 12.62
N SER A 321 -0.94 -0.01 11.56
CA SER A 321 -1.72 1.24 11.70
CA SER A 321 -1.67 1.25 11.74
C SER A 321 -2.86 1.06 12.68
N MET A 322 -3.50 -0.11 12.67
CA MET A 322 -4.57 -0.36 13.62
C MET A 322 -4.05 -0.40 15.06
N CYS A 323 -2.85 -0.95 15.27
CA CYS A 323 -2.25 -0.91 16.61
C CYS A 323 -2.04 0.52 17.07
N THR A 324 -1.51 1.38 16.19
CA THR A 324 -1.29 2.77 16.56
C THR A 324 -2.61 3.46 16.88
N SER A 325 -3.64 3.17 16.09
CA SER A 325 -4.96 3.68 16.41
C SER A 325 -5.36 3.29 17.81
N MET A 326 -4.94 2.11 18.25
CA MET A 326 -5.39 1.68 19.57
C MET A 326 -4.59 2.44 20.62
N LEU A 327 -3.29 2.63 20.37
CA LEU A 327 -2.45 3.41 21.28
C LEU A 327 -2.96 4.84 21.43
N LEU A 328 -3.53 5.41 20.36
CA LEU A 328 -4.06 6.76 20.38
C LEU A 328 -5.37 6.86 21.13
N GLY A 329 -5.95 5.74 21.53
CA GLY A 329 -7.14 5.72 22.35
C GLY A 329 -8.41 5.43 21.61
N ASP A 330 -8.34 5.08 20.32
CA ASP A 330 -9.55 4.79 19.58
C ASP A 330 -10.18 3.49 20.07
N SER A 331 -11.50 3.38 19.89
CA SER A 331 -12.24 2.23 20.37
C SER A 331 -11.89 1.00 19.53
N PRO A 332 -11.75 -0.17 20.15
CA PRO A 332 -11.42 -1.38 19.39
C PRO A 332 -12.52 -1.73 18.41
N PRO A 333 -12.16 -2.09 17.19
CA PRO A 333 -13.17 -2.53 16.21
C PRO A 333 -13.66 -3.94 16.51
N SER A 334 -14.82 -4.26 15.94
CA SER A 334 -15.44 -5.56 16.17
C SER A 334 -14.68 -6.67 15.46
N LEU A 335 -14.70 -7.85 16.04
CA LEU A 335 -14.07 -9.03 15.44
C LEU A 335 -15.11 -9.87 14.69
N ASP A 336 -14.61 -10.88 13.97
CA ASP A 336 -15.46 -11.77 13.17
C ASP A 336 -15.96 -12.94 14.00
N THR A 339 -15.73 -17.88 14.96
CA THR A 339 -15.11 -19.14 14.57
C THR A 339 -14.64 -19.93 15.78
N PRO A 340 -14.97 -21.22 15.83
CA PRO A 340 -14.58 -22.04 16.98
C PRO A 340 -13.07 -22.17 17.09
N LEU A 341 -12.57 -22.09 18.33
CA LEU A 341 -11.18 -22.43 18.61
C LEU A 341 -10.79 -23.75 17.98
N LYS A 342 -9.70 -23.73 17.22
CA LYS A 342 -9.11 -24.98 16.79
C LYS A 342 -8.67 -25.78 18.02
N THR A 343 -8.99 -27.08 18.01
CA THR A 343 -8.68 -27.91 19.16
C THR A 343 -7.18 -27.93 19.44
N SER A 344 -6.35 -27.99 18.41
CA SER A 344 -4.90 -28.06 18.64
C SER A 344 -4.40 -26.81 19.34
N ALA A 345 -5.09 -25.69 19.16
CA ALA A 345 -4.75 -24.49 19.91
C ALA A 345 -5.07 -24.64 21.38
N THR A 346 -6.19 -25.29 21.70
CA THR A 346 -6.51 -25.54 23.10
C THR A 346 -5.48 -26.47 23.73
N VAL A 347 -5.01 -27.45 22.96
CA VAL A 347 -3.96 -28.35 23.43
C VAL A 347 -2.70 -27.55 23.75
N SER A 348 -2.31 -26.62 22.87
CA SER A 348 -1.14 -25.79 23.13
C SER A 348 -1.34 -24.96 24.38
N ILE A 349 -2.49 -24.30 24.51
CA ILE A 349 -2.76 -23.47 25.68
C ILE A 349 -2.72 -24.32 26.95
N ASN A 350 -3.24 -25.56 26.86
CA ASN A 350 -3.23 -26.44 28.01
C ASN A 350 -1.81 -26.86 28.40
N ASN A 351 -0.95 -27.15 27.41
CA ASN A 351 0.43 -27.48 27.71
C ASN A 351 1.15 -26.34 28.41
N VAL A 352 0.89 -25.10 27.99
CA VAL A 352 1.58 -23.97 28.61
C VAL A 352 1.08 -23.75 30.02
N LEU A 353 -0.24 -23.86 30.21
CA LEU A 353 -0.83 -23.74 31.54
C LEU A 353 -0.19 -24.71 32.51
N ARG A 354 -0.01 -25.95 32.08
CA ARG A 354 0.56 -26.99 32.94
C ARG A 354 2.01 -26.67 33.27
N ALA A 355 2.74 -26.11 32.30
CA ALA A 355 4.15 -25.80 32.52
C ALA A 355 4.35 -24.59 33.40
N HIS A 356 3.42 -23.62 33.39
CA HIS A 356 3.65 -22.37 34.10
C HIS A 356 2.79 -22.19 35.34
N ALA A 357 1.80 -23.04 35.57
CA ALA A 357 1.03 -22.97 36.81
C ALA A 357 1.90 -23.03 38.06
N PRO A 358 3.01 -23.79 38.08
CA PRO A 358 3.89 -23.75 39.26
C PRO A 358 4.49 -22.39 39.54
N PHE A 359 4.62 -21.52 38.52
CA PHE A 359 5.30 -20.24 38.68
C PHE A 359 4.36 -19.06 38.80
N TRP A 360 3.10 -19.22 38.40
CA TRP A 360 2.16 -18.11 38.31
C TRP A 360 0.87 -18.56 38.96
N SER A 361 0.59 -18.06 40.17
CA SER A 361 -0.59 -18.51 40.90
C SER A 361 -1.88 -18.11 40.18
N SER A 362 -1.84 -17.13 39.28
CA SER A 362 -3.03 -16.76 38.51
C SER A 362 -3.47 -17.85 37.54
N LEU A 363 -2.65 -18.85 37.28
CA LEU A 363 -3.02 -19.95 36.39
C LEU A 363 -3.66 -21.11 37.15
N PRO B 8 -7.67 -16.10 -24.57
CA PRO B 8 -8.24 -15.35 -23.44
C PRO B 8 -7.17 -14.75 -22.52
N ILE B 9 -6.45 -13.74 -23.02
CA ILE B 9 -5.26 -13.20 -22.38
C ILE B 9 -5.48 -11.72 -22.06
N THR B 10 -5.05 -11.29 -20.88
CA THR B 10 -5.10 -9.88 -20.49
C THR B 10 -3.69 -9.29 -20.53
N GLY B 11 -3.52 -8.18 -21.26
CA GLY B 11 -2.24 -7.50 -21.27
C GLY B 11 -2.10 -6.52 -20.12
N LEU B 12 -0.86 -6.31 -19.68
CA LEU B 12 -0.56 -5.33 -18.64
C LEU B 12 0.70 -4.59 -19.05
N VAL B 13 0.66 -3.27 -19.04
CA VAL B 13 1.88 -2.49 -19.26
C VAL B 13 2.17 -1.66 -18.02
N TYR B 14 3.42 -1.67 -17.61
CA TYR B 14 3.93 -0.91 -16.48
C TYR B 14 5.42 -0.76 -16.69
N ASP B 15 5.92 0.46 -16.54
CA ASP B 15 7.35 0.69 -16.68
C ASP B 15 7.77 1.67 -15.60
N GLN B 16 8.70 1.24 -14.74
CA GLN B 16 9.12 2.08 -13.63
C GLN B 16 9.66 3.43 -14.08
N ARG B 17 10.08 3.56 -15.34
CA ARG B 17 10.61 4.83 -15.80
C ARG B 17 9.59 5.95 -15.67
N MET B 18 8.29 5.64 -15.74
CA MET B 18 7.34 6.72 -15.59
C MET B 18 7.28 7.28 -14.18
N MET B 19 7.98 6.68 -13.23
CA MET B 19 8.08 7.29 -11.91
C MET B 19 8.99 8.52 -11.91
N LEU B 20 9.77 8.73 -12.97
CA LEU B 20 10.81 9.76 -12.90
C LEU B 20 10.24 11.17 -12.97
N HIS B 21 9.07 11.34 -13.58
CA HIS B 21 8.35 12.61 -13.55
C HIS B 21 8.00 12.98 -12.10
N HIS B 22 8.45 14.14 -11.64
CA HIS B 22 8.27 14.48 -10.24
C HIS B 22 8.16 15.99 -10.04
N ASN B 23 7.68 16.36 -8.87
CA ASN B 23 7.53 17.75 -8.46
C ASN B 23 8.71 18.11 -7.56
N MET B 24 9.66 18.88 -8.09
CA MET B 24 10.88 19.11 -7.32
C MET B 24 10.73 20.18 -6.25
N TRP B 25 9.64 20.93 -6.24
CA TRP B 25 9.36 21.91 -5.19
C TRP B 25 8.42 21.39 -4.13
N ASP B 26 7.47 20.52 -4.50
CA ASP B 26 6.48 19.98 -3.57
C ASP B 26 6.51 18.48 -3.75
N SER B 27 7.38 17.80 -3.00
CA SER B 27 7.53 16.35 -3.13
C SER B 27 6.31 15.59 -2.63
N HIS B 28 5.36 16.25 -1.96
CA HIS B 28 4.13 15.62 -1.51
C HIS B 28 2.95 15.95 -2.39
N HIS B 29 3.17 16.56 -3.56
CA HIS B 29 2.08 16.78 -4.49
C HIS B 29 1.39 15.44 -4.77
N PRO B 30 0.06 15.42 -4.80
CA PRO B 30 -0.65 14.12 -4.85
C PRO B 30 -0.39 13.30 -6.12
N GLU B 31 0.05 13.90 -7.22
CA GLU B 31 0.32 13.10 -8.42
C GLU B 31 1.73 12.51 -8.30
N LEU B 32 1.83 11.50 -7.44
CA LEU B 32 3.12 10.96 -6.97
C LEU B 32 3.65 9.88 -7.90
N PRO B 33 4.99 9.82 -8.05
CA PRO B 33 5.59 8.64 -8.69
C PRO B 33 5.05 7.32 -8.15
N GLN B 34 4.85 7.22 -6.84
CA GLN B 34 4.41 5.98 -6.24
C GLN B 34 3.00 5.58 -6.63
N ARG B 35 2.24 6.46 -7.29
CA ARG B 35 0.92 6.03 -7.77
C ARG B 35 1.04 4.77 -8.63
N ILE B 36 1.98 4.74 -9.58
CA ILE B 36 2.01 3.57 -10.44
C ILE B 36 2.73 2.40 -9.78
N SER B 37 3.79 2.65 -8.99
CA SER B 37 4.46 1.51 -8.34
C SER B 37 3.53 0.83 -7.34
N ARG B 38 2.68 1.60 -6.68
CA ARG B 38 1.77 0.99 -5.72
C ARG B 38 0.72 0.12 -6.41
N ILE B 39 0.19 0.58 -7.54
CA ILE B 39 -0.77 -0.25 -8.27
C ILE B 39 -0.10 -1.52 -8.78
N PHE B 40 1.10 -1.38 -9.34
CA PHE B 40 1.84 -2.55 -9.78
C PHE B 40 2.09 -3.51 -8.63
N SER B 41 2.57 -2.98 -7.49
CA SER B 41 2.83 -3.83 -6.34
CA SER B 41 2.83 -3.83 -6.33
C SER B 41 1.58 -4.59 -5.91
N ARG B 42 0.41 -3.91 -5.90
CA ARG B 42 -0.80 -4.59 -5.49
C ARG B 42 -1.14 -5.73 -6.45
N HIS B 43 -0.82 -5.55 -7.74
CA HIS B 43 -1.02 -6.64 -8.69
C HIS B 43 -0.11 -7.83 -8.37
N GLU B 44 1.15 -7.59 -7.99
CA GLU B 44 2.01 -8.70 -7.59
C GLU B 44 1.47 -9.38 -6.34
N GLU B 45 1.11 -8.58 -5.34
CA GLU B 45 0.60 -9.06 -4.06
C GLU B 45 -0.61 -9.96 -4.22
N LEU B 46 -1.54 -9.59 -5.10
CA LEU B 46 -2.72 -10.39 -5.37
C LEU B 46 -2.46 -11.51 -6.39
N ARG B 47 -1.23 -11.67 -6.84
CA ARG B 47 -0.87 -12.68 -7.84
C ARG B 47 -1.68 -12.51 -9.12
N LEU B 48 -2.01 -11.24 -9.46
CA LEU B 48 -2.62 -10.92 -10.73
C LEU B 48 -1.59 -10.72 -11.83
N LEU B 49 -0.39 -10.25 -11.48
CA LEU B 49 0.61 -9.94 -12.50
C LEU B 49 1.01 -11.18 -13.29
N SER B 50 1.19 -12.31 -12.61
CA SER B 50 1.58 -13.53 -13.31
C SER B 50 0.50 -14.05 -14.24
N ARG B 51 -0.75 -13.61 -14.06
CA ARG B 51 -1.83 -14.05 -14.91
C ARG B 51 -1.95 -13.23 -16.19
N CYS B 52 -1.23 -12.11 -16.28
CA CYS B 52 -1.29 -11.20 -17.41
C CYS B 52 -0.11 -11.43 -18.34
N HIS B 53 -0.30 -11.04 -19.59
CA HIS B 53 0.79 -10.95 -20.55
C HIS B 53 1.40 -9.56 -20.46
N ARG B 54 2.70 -9.50 -20.16
CA ARG B 54 3.35 -8.20 -20.01
C ARG B 54 3.60 -7.57 -21.37
N ILE B 55 3.10 -6.37 -21.57
CA ILE B 55 3.28 -5.61 -22.82
C ILE B 55 4.34 -4.54 -22.55
N PRO B 56 5.35 -4.39 -23.41
CA PRO B 56 6.40 -3.40 -23.13
C PRO B 56 5.90 -1.99 -23.36
N ALA B 57 6.42 -1.07 -22.54
CA ALA B 57 6.29 0.34 -22.84
C ALA B 57 7.17 0.72 -24.03
N ARG B 58 6.83 1.82 -24.67
CA ARG B 58 7.70 2.44 -25.67
C ARG B 58 7.42 3.94 -25.65
N LEU B 59 8.32 4.71 -26.26
CA LEU B 59 8.10 6.13 -26.46
C LEU B 59 7.13 6.35 -27.61
N ALA B 60 6.12 7.19 -27.38
CA ALA B 60 5.39 7.73 -28.51
C ALA B 60 6.34 8.54 -29.39
N THR B 61 6.10 8.52 -30.69
CA THR B 61 6.85 9.39 -31.59
C THR B 61 6.20 10.75 -31.68
N GLU B 62 6.97 11.74 -32.15
CA GLU B 62 6.40 13.06 -32.36
C GLU B 62 5.30 13.03 -33.41
N GLU B 63 5.43 12.18 -34.45
CA GLU B 63 4.36 12.07 -35.43
C GLU B 63 3.08 11.55 -34.79
N GLU B 64 3.20 10.59 -33.86
CA GLU B 64 2.04 10.11 -33.13
C GLU B 64 1.43 11.22 -32.27
N LEU B 65 2.27 11.98 -31.56
CA LEU B 65 1.74 13.09 -30.77
C LEU B 65 0.92 14.06 -31.61
N ALA B 66 1.30 14.22 -32.89
CA ALA B 66 0.61 15.14 -33.79
C ALA B 66 -0.76 14.63 -34.20
N LEU B 67 -1.10 13.38 -33.89
CA LEU B 67 -2.46 12.92 -34.13
C LEU B 67 -3.47 13.77 -33.38
N CYS B 68 -3.08 14.33 -32.23
CA CYS B 68 -3.99 15.14 -31.43
C CYS B 68 -3.44 16.50 -31.04
N HIS B 69 -2.14 16.72 -31.09
CA HIS B 69 -1.58 17.93 -30.53
C HIS B 69 -0.90 18.79 -31.59
N SER B 70 -0.87 20.09 -31.30
CA SER B 70 -0.27 21.06 -32.20
C SER B 70 1.25 20.97 -32.14
N SER B 71 1.91 21.35 -33.22
CA SER B 71 3.37 21.32 -33.21
C SER B 71 3.94 22.26 -32.16
N LYS B 72 3.29 23.40 -31.92
CA LYS B 72 3.79 24.34 -30.93
C LYS B 72 3.80 23.70 -29.55
N HIS B 73 2.70 23.06 -29.16
CA HIS B 73 2.62 22.42 -27.85
C HIS B 73 3.66 21.31 -27.70
N ILE B 74 3.80 20.46 -28.72
CA ILE B 74 4.79 19.39 -28.68
C ILE B 74 6.18 19.96 -28.49
N SER B 75 6.53 21.02 -29.25
CA SER B 75 7.87 21.55 -29.17
CA SER B 75 7.87 21.57 -29.16
C SER B 75 8.17 22.18 -27.81
N ILE B 76 7.17 22.77 -27.16
CA ILE B 76 7.40 23.42 -25.89
C ILE B 76 7.63 22.38 -24.80
N ILE B 77 6.77 21.35 -24.76
CA ILE B 77 6.96 20.31 -23.75
C ILE B 77 8.27 19.57 -24.02
N LYS B 78 8.60 19.35 -25.29
CA LYS B 78 9.82 18.62 -25.58
C LYS B 78 11.05 19.41 -25.13
N SER B 79 10.99 20.74 -25.23
CA SER B 79 12.09 21.59 -24.80
C SER B 79 12.34 21.51 -23.29
N SER B 80 11.33 21.15 -22.50
CA SER B 80 11.52 21.16 -21.05
C SER B 80 12.51 20.10 -20.61
N GLU B 81 12.81 19.11 -21.46
CA GLU B 81 13.74 18.05 -21.10
C GLU B 81 15.12 18.60 -20.70
N HIS B 82 15.50 19.76 -21.22
CA HIS B 82 16.84 20.30 -21.02
C HIS B 82 16.87 21.58 -20.20
N MET B 83 15.78 21.91 -19.49
CA MET B 83 15.67 23.15 -18.75
C MET B 83 16.20 23.01 -17.33
N LYS B 84 16.62 24.13 -16.76
CA LYS B 84 17.11 24.20 -15.39
C LYS B 84 15.94 24.36 -14.42
N PRO B 85 16.14 24.02 -13.14
CA PRO B 85 15.01 24.02 -12.19
C PRO B 85 14.18 25.30 -12.14
N ARG B 86 14.81 26.47 -12.06
CA ARG B 86 14.03 27.69 -11.92
C ARG B 86 13.20 27.97 -13.16
N ASP B 87 13.69 27.57 -14.34
CA ASP B 87 12.92 27.79 -15.56
C ASP B 87 11.83 26.74 -15.75
N LEU B 88 12.06 25.50 -15.30
CA LEU B 88 10.98 24.52 -15.25
C LEU B 88 9.84 25.01 -14.38
N ASN B 89 10.17 25.56 -13.20
CA ASN B 89 9.13 26.12 -12.33
C ASN B 89 8.37 27.23 -13.04
N ARG B 90 9.09 28.10 -13.75
CA ARG B 90 8.44 29.19 -14.48
C ARG B 90 7.51 28.64 -15.55
N LEU B 91 7.99 27.67 -16.33
CA LEU B 91 7.19 27.19 -17.45
C LEU B 91 5.96 26.44 -16.97
N GLY B 92 6.11 25.62 -15.93
CA GLY B 92 4.96 24.90 -15.40
C GLY B 92 3.90 25.84 -14.85
N ASP B 93 4.34 26.96 -14.24
CA ASP B 93 3.40 27.91 -13.68
C ASP B 93 2.59 28.64 -14.72
N GLU B 94 2.95 28.55 -16.01
CA GLU B 94 2.15 29.17 -17.05
C GLU B 94 0.89 28.37 -17.40
N TYR B 95 0.83 27.09 -17.04
CA TYR B 95 -0.36 26.27 -17.26
C TYR B 95 -1.22 26.23 -16.00
N ASN B 96 -2.44 25.76 -16.18
CA ASN B 96 -3.34 25.45 -15.08
C ASN B 96 -2.91 24.12 -14.47
N SER B 97 -2.32 24.16 -13.26
CA SER B 97 -2.08 22.97 -12.45
C SER B 97 -1.14 21.98 -13.15
N ILE B 98 0.07 22.44 -13.43
CA ILE B 98 1.11 21.60 -14.01
C ILE B 98 2.40 21.79 -13.23
N PHE B 99 3.09 20.69 -12.93
CA PHE B 99 4.50 20.73 -12.57
C PHE B 99 5.32 19.95 -13.59
N ILE B 100 6.57 20.37 -13.79
CA ILE B 100 7.43 19.79 -14.82
C ILE B 100 8.82 19.54 -14.23
N SER B 101 9.38 18.38 -14.52
CA SER B 101 10.78 18.09 -14.29
C SER B 101 11.43 17.73 -15.62
N ASN B 102 12.75 17.52 -15.59
CA ASN B 102 13.46 17.17 -16.82
C ASN B 102 12.98 15.86 -17.43
N GLU B 103 12.37 14.98 -16.64
CA GLU B 103 11.92 13.68 -17.13
C GLU B 103 10.46 13.66 -17.60
N SER B 104 9.74 14.77 -17.46
CA SER B 104 8.28 14.75 -17.67
C SER B 104 7.92 14.43 -19.11
N TYR B 105 8.60 15.06 -20.07
CA TYR B 105 8.32 14.81 -21.48
C TYR B 105 8.47 13.33 -21.81
N THR B 106 9.60 12.74 -21.42
CA THR B 106 9.82 11.32 -21.68
C THR B 106 8.77 10.46 -20.99
N CYS B 107 8.38 10.83 -19.77
CA CYS B 107 7.36 10.04 -19.09
C CYS B 107 6.02 10.13 -19.80
N ALA B 108 5.66 11.33 -20.27
CA ALA B 108 4.42 11.46 -21.04
C ALA B 108 4.49 10.67 -22.34
N LEU B 109 5.67 10.63 -22.98
CA LEU B 109 5.84 9.82 -24.19
C LEU B 109 5.64 8.34 -23.89
N LEU B 110 6.21 7.87 -22.77
CA LEU B 110 6.10 6.47 -22.38
C LEU B 110 4.67 6.10 -22.04
N ALA B 111 3.94 7.02 -21.41
CA ALA B 111 2.56 6.71 -21.06
C ALA B 111 1.73 6.51 -22.33
N ALA B 112 1.92 7.37 -23.31
CA ALA B 112 1.16 7.24 -24.55
C ALA B 112 1.62 6.02 -25.35
N GLY B 113 2.94 5.83 -25.45
CA GLY B 113 3.45 4.70 -26.21
C GLY B 113 3.05 3.35 -25.61
N SER B 114 2.99 3.28 -24.28
CA SER B 114 2.49 2.08 -23.61
C SER B 114 1.08 1.76 -24.04
N CYS B 115 0.25 2.80 -24.16
CA CYS B 115 -1.14 2.57 -24.52
C CYS B 115 -1.27 2.21 -25.99
N PHE B 116 -0.41 2.75 -26.85
CA PHE B 116 -0.45 2.37 -28.26
C PHE B 116 -0.11 0.89 -28.40
N ASN B 117 0.95 0.46 -27.72
CA ASN B 117 1.32 -0.95 -27.76
C ASN B 117 0.17 -1.82 -27.26
N SER B 118 -0.53 -1.37 -26.21
CA SER B 118 -1.63 -2.14 -25.67
C SER B 118 -2.80 -2.18 -26.64
N ALA B 119 -3.15 -1.03 -27.23
CA ALA B 119 -4.22 -1.03 -28.22
C ALA B 119 -3.86 -1.89 -29.42
N GLN B 120 -2.59 -1.86 -29.82
CA GLN B 120 -2.17 -2.70 -30.94
C GLN B 120 -2.30 -4.18 -30.60
N ALA B 121 -1.94 -4.55 -29.37
CA ALA B 121 -2.06 -5.95 -28.92
C ALA B 121 -3.52 -6.39 -28.92
N ILE B 122 -4.42 -5.50 -28.53
CA ILE B 122 -5.85 -5.84 -28.51
C ILE B 122 -6.38 -5.98 -29.93
N LEU B 123 -6.08 -5.01 -30.78
CA LEU B 123 -6.68 -4.96 -32.10
C LEU B 123 -6.14 -6.04 -33.02
N THR B 124 -4.95 -6.56 -32.73
CA THR B 124 -4.42 -7.68 -33.49
C THR B 124 -4.77 -9.01 -32.89
N GLY B 125 -5.48 -9.02 -31.76
CA GLY B 125 -5.91 -10.23 -31.11
C GLY B 125 -4.86 -10.92 -30.28
N GLN B 126 -3.71 -10.29 -30.04
CA GLN B 126 -2.68 -10.90 -29.19
C GLN B 126 -3.16 -11.01 -27.75
N VAL B 127 -3.95 -10.02 -27.29
CA VAL B 127 -4.65 -10.07 -26.02
C VAL B 127 -6.11 -9.72 -26.28
N ARG B 128 -6.97 -10.19 -25.38
CA ARG B 128 -8.39 -9.84 -25.47
C ARG B 128 -8.64 -8.45 -24.90
N ASN B 129 -7.88 -8.05 -23.90
CA ASN B 129 -8.08 -6.76 -23.22
C ASN B 129 -6.76 -6.43 -22.51
N ALA B 130 -6.70 -5.25 -21.88
CA ALA B 130 -5.43 -4.84 -21.29
C ALA B 130 -5.62 -3.70 -20.30
N VAL B 131 -4.64 -3.56 -19.41
CA VAL B 131 -4.61 -2.49 -18.42
C VAL B 131 -3.29 -1.76 -18.55
N ALA B 132 -3.34 -0.42 -18.51
CA ALA B 132 -2.13 0.39 -18.64
C ALA B 132 -1.92 1.21 -17.36
N ILE B 133 -0.86 0.87 -16.62
CA ILE B 133 -0.55 1.50 -15.32
C ILE B 133 0.49 2.59 -15.64
N VAL B 134 0.01 3.78 -15.97
CA VAL B 134 0.84 4.82 -16.58
C VAL B 134 0.61 6.15 -15.87
N ARG B 135 1.64 6.99 -15.93
CA ARG B 135 1.56 8.38 -15.51
C ARG B 135 2.62 9.15 -16.28
N PRO B 136 2.50 10.48 -16.39
CA PRO B 136 1.42 11.39 -15.97
C PRO B 136 0.12 11.06 -16.68
N PRO B 137 -0.99 11.51 -16.12
CA PRO B 137 -2.30 11.27 -16.78
C PRO B 137 -2.48 12.09 -18.05
N GLY B 138 -3.63 11.93 -18.71
CA GLY B 138 -3.82 12.56 -20.00
C GLY B 138 -5.07 13.38 -20.25
N HIS B 139 -6.17 13.14 -19.53
CA HIS B 139 -7.45 13.53 -20.11
C HIS B 139 -7.73 15.03 -20.04
N HIS B 140 -6.96 15.78 -19.26
CA HIS B 140 -7.10 17.23 -19.23
C HIS B 140 -6.27 17.91 -20.32
N ALA B 141 -5.31 17.21 -20.92
CA ALA B 141 -4.46 17.85 -21.93
C ALA B 141 -5.27 18.18 -23.18
N GLU B 142 -5.09 19.40 -23.69
CA GLU B 142 -5.77 19.88 -24.88
C GLU B 142 -4.86 19.75 -26.10
N LYS B 143 -5.43 20.04 -27.27
CA LYS B 143 -4.60 20.00 -28.47
C LYS B 143 -3.39 20.90 -28.33
N ASP B 144 -3.57 22.09 -27.74
CA ASP B 144 -2.54 23.12 -27.77
C ASP B 144 -2.01 23.48 -26.38
N THR B 145 -2.38 22.76 -25.32
CA THR B 145 -1.82 23.11 -24.01
C THR B 145 -1.91 21.95 -23.01
N ALA B 146 -1.02 22.00 -22.02
CA ALA B 146 -1.04 21.09 -20.88
C ALA B 146 -1.97 21.62 -19.80
N CYS B 147 -2.53 20.70 -19.02
CA CYS B 147 -3.51 21.13 -18.01
C CYS B 147 -3.71 20.01 -17.01
N GLY B 148 -3.88 20.38 -15.75
CA GLY B 148 -4.36 19.45 -14.75
C GLY B 148 -3.52 18.19 -14.63
N PHE B 149 -2.20 18.35 -14.51
CA PHE B 149 -1.21 17.28 -14.35
C PHE B 149 -1.00 16.48 -15.64
N CYS B 150 -1.62 16.88 -16.76
CA CYS B 150 -1.57 16.16 -18.04
C CYS B 150 -0.82 16.97 -19.09
N PHE B 151 0.07 16.32 -19.82
CA PHE B 151 0.82 16.94 -20.90
C PHE B 151 0.28 16.58 -22.28
N PHE B 152 0.09 15.30 -22.54
CA PHE B 152 -0.48 14.82 -23.79
C PHE B 152 -1.67 13.94 -23.47
N ASN B 153 -2.68 13.96 -24.35
CA ASN B 153 -3.92 13.26 -24.05
C ASN B 153 -3.80 11.81 -24.50
N THR B 154 -3.29 11.01 -23.58
CA THR B 154 -3.00 9.60 -23.82
C THR B 154 -4.17 8.85 -24.40
N ALA B 155 -5.36 9.00 -23.80
CA ALA B 155 -6.49 8.22 -24.30
C ALA B 155 -6.95 8.72 -25.68
N ALA B 156 -6.98 10.03 -25.88
CA ALA B 156 -7.33 10.56 -27.20
C ALA B 156 -6.34 10.08 -28.25
N LEU B 157 -5.05 10.14 -27.93
CA LEU B 157 -4.00 9.67 -28.84
C LEU B 157 -4.18 8.19 -29.17
N THR B 158 -4.52 7.39 -28.16
CA THR B 158 -4.70 5.95 -28.38
C THR B 158 -5.87 5.69 -29.32
N ALA B 159 -6.97 6.44 -29.16
CA ALA B 159 -8.09 6.30 -30.08
C ALA B 159 -7.67 6.59 -31.51
N ARG B 160 -6.92 7.68 -31.72
CA ARG B 160 -6.44 8.01 -33.06
C ARG B 160 -5.40 7.01 -33.54
N TYR B 161 -4.54 6.55 -32.63
CA TYR B 161 -3.56 5.54 -33.03
C TYR B 161 -4.28 4.28 -33.49
N ALA B 162 -5.29 3.86 -32.73
CA ALA B 162 -6.04 2.67 -33.09
C ALA B 162 -6.66 2.80 -34.47
N GLN B 163 -7.24 3.97 -34.76
CA GLN B 163 -7.82 4.19 -36.09
C GLN B 163 -6.75 4.12 -37.16
N SER B 164 -5.52 4.54 -36.84
CA SER B 164 -4.45 4.59 -37.82
C SER B 164 -3.92 3.21 -38.20
N ILE B 165 -4.10 2.21 -37.35
CA ILE B 165 -3.66 0.85 -37.67
C ILE B 165 -4.82 -0.06 -38.02
N THR B 166 -6.04 0.47 -38.09
CA THR B 166 -7.18 -0.32 -38.54
C THR B 166 -7.85 0.39 -39.69
N ARG B 167 -8.86 1.21 -39.40
CA ARG B 167 -9.41 2.08 -40.42
C ARG B 167 -9.85 3.37 -39.76
N GLU B 168 -9.85 4.43 -40.57
CA GLU B 168 -10.06 5.79 -40.06
C GLU B 168 -11.34 5.91 -39.23
N SER B 169 -12.39 5.19 -39.62
CA SER B 169 -13.69 5.30 -38.98
C SER B 169 -13.92 4.26 -37.89
N LEU B 170 -12.88 3.54 -37.47
CA LEU B 170 -13.02 2.59 -36.37
C LEU B 170 -13.74 3.26 -35.20
N ARG B 171 -14.79 2.62 -34.71
CA ARG B 171 -15.63 3.22 -33.68
C ARG B 171 -14.99 2.96 -32.32
N VAL B 172 -14.56 4.02 -31.67
CA VAL B 172 -13.88 3.95 -30.39
C VAL B 172 -14.77 4.61 -29.36
N LEU B 173 -15.10 3.87 -28.31
CA LEU B 173 -15.80 4.43 -27.16
C LEU B 173 -14.75 4.77 -26.11
N ILE B 174 -14.79 6.00 -25.61
CA ILE B 174 -13.99 6.40 -24.45
C ILE B 174 -14.95 6.64 -23.29
N VAL B 175 -14.81 5.84 -22.23
CA VAL B 175 -15.58 6.03 -21.01
C VAL B 175 -14.62 6.61 -20.00
N ASP B 176 -14.93 7.78 -19.47
CA ASP B 176 -14.04 8.51 -18.59
C ASP B 176 -14.71 8.52 -17.23
N TRP B 177 -14.28 7.64 -16.33
CA TRP B 177 -14.86 7.62 -14.99
C TRP B 177 -13.97 8.26 -13.93
N ASP B 178 -12.85 8.86 -14.33
CA ASP B 178 -12.16 9.80 -13.46
C ASP B 178 -13.19 10.77 -12.89
N VAL B 179 -12.96 11.25 -11.67
CA VAL B 179 -14.00 12.07 -11.04
C VAL B 179 -14.08 13.43 -11.71
N HIS B 180 -13.05 13.81 -12.44
CA HIS B 180 -13.00 15.10 -13.12
C HIS B 180 -13.41 14.95 -14.58
N HIS B 181 -14.00 16.01 -15.13
CA HIS B 181 -14.31 16.01 -16.55
C HIS B 181 -13.03 15.96 -17.38
N GLY B 182 -13.03 15.13 -18.42
CA GLY B 182 -11.91 15.16 -19.33
C GLY B 182 -12.08 16.21 -20.40
N ASN B 183 -11.82 17.47 -20.03
CA ASN B 183 -12.04 18.60 -20.94
C ASN B 183 -11.27 18.43 -22.24
N GLY B 184 -10.04 17.91 -22.14
CA GLY B 184 -9.23 17.74 -23.34
C GLY B 184 -9.81 16.70 -24.28
N THR B 185 -10.26 15.56 -23.74
CA THR B 185 -10.83 14.52 -24.59
C THR B 185 -12.10 15.02 -25.26
N GLN B 186 -12.97 15.69 -24.50
CA GLN B 186 -14.20 16.22 -25.10
C GLN B 186 -13.86 17.14 -26.27
N HIS B 187 -12.95 18.09 -26.04
CA HIS B 187 -12.64 19.06 -27.09
C HIS B 187 -11.99 18.39 -28.30
N ILE B 188 -11.11 17.42 -28.06
CA ILE B 188 -10.43 16.78 -29.19
C ILE B 188 -11.44 16.11 -30.12
N PHE B 189 -12.47 15.49 -29.57
CA PHE B 189 -13.42 14.71 -30.36
C PHE B 189 -14.78 15.39 -30.51
N GLU B 190 -14.86 16.67 -30.17
CA GLU B 190 -16.14 17.38 -30.12
C GLU B 190 -16.91 17.27 -31.43
N GLU B 191 -16.21 17.36 -32.56
CA GLU B 191 -16.88 17.31 -33.87
C GLU B 191 -16.77 15.95 -34.53
N ASP B 192 -16.54 14.89 -33.76
CA ASP B 192 -16.23 13.57 -34.29
C ASP B 192 -17.33 12.58 -33.92
N ASP B 193 -17.82 11.83 -34.91
CA ASP B 193 -18.79 10.77 -34.64
C ASP B 193 -18.16 9.38 -34.63
N SER B 194 -16.85 9.29 -34.87
CA SER B 194 -16.19 7.99 -34.80
C SER B 194 -15.65 7.68 -33.41
N VAL B 195 -15.53 8.68 -32.55
CA VAL B 195 -15.10 8.50 -31.17
C VAL B 195 -16.20 9.04 -30.28
N LEU B 196 -16.90 8.13 -29.59
CA LEU B 196 -17.93 8.52 -28.65
C LEU B 196 -17.28 8.73 -27.29
N TYR B 197 -17.47 9.91 -26.71
CA TYR B 197 -16.89 10.28 -25.41
C TYR B 197 -18.02 10.31 -24.39
N ILE B 198 -17.90 9.51 -23.33
CA ILE B 198 -18.85 9.51 -22.23
C ILE B 198 -18.08 9.76 -20.95
N SER B 199 -18.36 10.87 -20.27
CA SER B 199 -17.71 11.20 -19.01
C SER B 199 -18.74 11.26 -17.89
N LEU B 200 -18.40 10.65 -16.76
CA LEU B 200 -19.07 10.88 -15.50
C LEU B 200 -18.13 11.72 -14.65
N HIS B 201 -18.66 12.76 -13.99
CA HIS B 201 -17.75 13.63 -13.26
C HIS B 201 -18.50 14.46 -12.23
N ARG B 202 -17.80 14.77 -11.14
CA ARG B 202 -18.30 15.74 -10.19
C ARG B 202 -18.28 17.11 -10.84
N TYR B 203 -19.42 17.78 -10.85
CA TYR B 203 -19.56 19.05 -11.58
C TYR B 203 -19.85 20.22 -10.66
N GLU B 204 -20.83 20.10 -9.77
CA GLU B 204 -21.18 21.13 -8.79
C GLU B 204 -21.43 22.46 -9.50
N ASP B 205 -22.26 22.39 -10.54
CA ASP B 205 -22.67 23.56 -11.33
C ASP B 205 -21.45 24.35 -11.82
N GLY B 206 -20.36 23.66 -12.14
CA GLY B 206 -19.17 24.30 -12.64
C GLY B 206 -18.13 24.69 -11.62
N ALA B 207 -18.36 24.40 -10.33
CA ALA B 207 -17.41 24.82 -9.30
C ALA B 207 -16.26 23.84 -9.12
N PHE B 208 -16.38 22.62 -9.63
CA PHE B 208 -15.37 21.59 -9.42
C PHE B 208 -14.39 21.56 -10.59
N PHE B 209 -13.10 21.35 -10.28
CA PHE B 209 -12.08 21.31 -11.33
C PHE B 209 -12.52 20.38 -12.47
N PRO B 210 -12.29 20.75 -13.75
CA PRO B 210 -11.56 21.92 -14.24
C PRO B 210 -12.38 23.21 -14.37
N ASN B 211 -13.54 23.30 -13.70
CA ASN B 211 -14.19 24.60 -13.46
C ASN B 211 -14.78 25.22 -14.71
N SER B 212 -15.29 24.41 -15.63
CA SER B 212 -15.86 24.90 -16.88
C SER B 212 -17.27 24.37 -17.08
N GLU B 213 -18.17 25.22 -17.56
CA GLU B 213 -19.49 24.68 -17.94
C GLU B 213 -19.43 23.80 -19.20
N ASP B 214 -18.27 23.64 -19.83
CA ASP B 214 -18.14 22.64 -20.90
C ASP B 214 -18.53 21.25 -20.44
N ALA B 215 -18.48 20.98 -19.13
CA ALA B 215 -18.75 19.66 -18.58
C ALA B 215 -20.24 19.41 -18.34
N ASN B 216 -21.11 20.37 -18.61
CA ASN B 216 -22.52 20.15 -18.30
C ASN B 216 -23.17 19.21 -19.32
N TYR B 217 -24.34 18.67 -18.94
CA TYR B 217 -25.02 17.66 -19.75
C TYR B 217 -25.48 18.20 -21.11
N ASP B 218 -25.58 19.52 -21.27
CA ASP B 218 -26.12 20.04 -22.51
C ASP B 218 -25.05 20.18 -23.59
N LYS B 219 -23.80 19.79 -23.32
CA LYS B 219 -22.78 19.77 -24.36
C LYS B 219 -22.80 18.37 -24.95
N VAL B 220 -23.40 18.24 -26.14
CA VAL B 220 -23.73 16.97 -26.72
C VAL B 220 -22.90 16.68 -27.97
N GLY B 221 -21.95 17.54 -28.30
CA GLY B 221 -21.20 17.41 -29.52
C GLY B 221 -21.55 18.50 -30.52
N LEU B 222 -20.66 18.68 -31.49
CA LEU B 222 -20.84 19.73 -32.49
C LEU B 222 -20.70 19.14 -33.89
N GLY B 223 -21.47 19.68 -34.84
CA GLY B 223 -21.35 19.24 -36.22
C GLY B 223 -21.68 17.76 -36.38
N LYS B 224 -20.82 17.05 -37.12
CA LYS B 224 -20.97 15.61 -37.26
C LYS B 224 -20.96 14.88 -35.93
N GLY B 225 -20.38 15.49 -34.90
CA GLY B 225 -20.31 14.89 -33.59
C GLY B 225 -21.51 15.16 -32.69
N ARG B 226 -22.58 15.77 -33.21
CA ARG B 226 -23.77 15.97 -32.38
C ARG B 226 -24.32 14.63 -31.91
N GLY B 227 -24.40 14.47 -30.60
CA GLY B 227 -24.83 13.23 -29.98
C GLY B 227 -23.71 12.33 -29.53
N TYR B 228 -22.47 12.63 -29.91
CA TYR B 228 -21.34 11.75 -29.63
C TYR B 228 -20.46 12.29 -28.50
N ASN B 229 -21.00 13.19 -27.70
CA ASN B 229 -20.38 13.67 -26.47
C ASN B 229 -21.41 13.61 -25.36
N VAL B 230 -21.17 12.76 -24.36
CA VAL B 230 -22.14 12.49 -23.32
C VAL B 230 -21.51 12.84 -21.99
N ASN B 231 -21.97 13.92 -21.39
CA ASN B 231 -21.53 14.36 -20.06
C ASN B 231 -22.57 13.98 -19.02
N ILE B 232 -22.12 13.29 -17.97
CA ILE B 232 -22.98 12.92 -16.85
C ILE B 232 -22.45 13.68 -15.64
N PRO B 233 -22.98 14.86 -15.35
CA PRO B 233 -22.43 15.70 -14.29
C PRO B 233 -23.15 15.53 -12.96
N TRP B 234 -22.38 15.36 -11.88
CA TRP B 234 -22.93 15.16 -10.55
C TRP B 234 -22.91 16.46 -9.78
N ASN B 235 -23.99 16.73 -9.05
CA ASN B 235 -24.12 17.92 -8.23
C ASN B 235 -24.65 17.56 -6.86
N GLY B 236 -24.12 18.22 -5.84
CA GLY B 236 -24.69 18.21 -4.50
C GLY B 236 -24.93 16.84 -3.90
N GLY B 237 -23.88 16.03 -3.80
CA GLY B 237 -24.01 14.71 -3.22
C GLY B 237 -22.72 13.90 -3.27
N LYS B 238 -22.50 13.10 -2.23
CA LYS B 238 -21.32 12.22 -2.18
CA LYS B 238 -21.32 12.22 -2.18
C LYS B 238 -21.69 10.95 -2.93
N MET B 239 -21.46 10.95 -4.23
CA MET B 239 -21.92 9.87 -5.08
C MET B 239 -21.04 8.65 -4.87
N GLY B 240 -21.64 7.48 -5.05
CA GLY B 240 -20.92 6.22 -4.87
C GLY B 240 -21.49 5.17 -5.78
N ASP B 241 -21.33 3.91 -5.38
CA ASP B 241 -21.73 2.79 -6.23
C ASP B 241 -23.17 2.89 -6.71
N PRO B 242 -24.16 3.25 -5.89
CA PRO B 242 -25.54 3.30 -6.41
C PRO B 242 -25.69 4.24 -7.59
N GLU B 243 -25.07 5.41 -7.52
CA GLU B 243 -25.25 6.43 -8.54
C GLU B 243 -24.54 6.03 -9.82
N TYR B 244 -23.34 5.46 -9.70
CA TYR B 244 -22.59 5.03 -10.88
C TYR B 244 -23.25 3.82 -11.52
N MET B 245 -23.75 2.88 -10.72
CA MET B 245 -24.45 1.74 -11.31
C MET B 245 -25.69 2.21 -12.06
N ALA B 246 -26.43 3.17 -11.50
CA ALA B 246 -27.62 3.68 -12.17
C ALA B 246 -27.26 4.41 -13.45
N ALA B 247 -26.22 5.24 -13.42
CA ALA B 247 -25.79 5.93 -14.64
C ALA B 247 -25.38 4.93 -15.72
N PHE B 248 -24.70 3.84 -15.33
CA PHE B 248 -24.35 2.84 -16.33
C PHE B 248 -25.60 2.16 -16.88
N HIS B 249 -26.59 1.90 -16.01
CA HIS B 249 -27.79 1.19 -16.45
C HIS B 249 -28.64 2.05 -17.39
N HIS B 250 -28.85 3.30 -17.04
CA HIS B 250 -29.76 4.15 -17.78
C HIS B 250 -29.11 4.86 -18.96
N LEU B 251 -27.80 5.13 -18.89
CA LEU B 251 -27.14 5.98 -19.86
C LEU B 251 -25.96 5.29 -20.52
N VAL B 252 -24.91 4.95 -19.78
CA VAL B 252 -23.65 4.54 -20.42
C VAL B 252 -23.85 3.30 -21.27
N MET B 253 -24.37 2.21 -20.67
CA MET B 253 -24.55 0.98 -21.45
C MET B 253 -25.55 1.07 -22.60
N PRO B 254 -26.74 1.66 -22.47
CA PRO B 254 -27.63 1.72 -23.65
C PRO B 254 -27.03 2.50 -24.81
N ILE B 255 -26.46 3.67 -24.52
CA ILE B 255 -25.79 4.48 -25.55
C ILE B 255 -24.63 3.70 -26.16
N ALA B 256 -23.79 3.11 -25.30
CA ALA B 256 -22.65 2.36 -25.81
C ALA B 256 -23.09 1.21 -26.72
N ARG B 257 -24.10 0.45 -26.31
CA ARG B 257 -24.57 -0.66 -27.14
C ARG B 257 -25.08 -0.17 -28.48
N GLU B 258 -25.80 0.95 -28.51
CA GLU B 258 -26.29 1.45 -29.79
C GLU B 258 -25.15 1.89 -30.69
N PHE B 259 -24.13 2.54 -30.10
CA PHE B 259 -22.96 2.98 -30.85
C PHE B 259 -22.18 1.79 -31.43
N ALA B 260 -22.20 0.64 -30.74
CA ALA B 260 -21.49 -0.59 -31.10
C ALA B 260 -20.02 -0.32 -31.33
N PRO B 261 -19.27 0.02 -30.28
CA PRO B 261 -17.85 0.32 -30.48
C PRO B 261 -17.08 -0.91 -30.93
N GLU B 262 -15.99 -0.67 -31.63
CA GLU B 262 -15.06 -1.74 -31.98
C GLU B 262 -13.86 -1.77 -31.05
N LEU B 263 -13.71 -0.74 -30.22
CA LEU B 263 -12.69 -0.70 -29.19
C LEU B 263 -13.20 0.19 -28.08
N VAL B 264 -12.99 -0.24 -26.83
CA VAL B 264 -13.37 0.57 -25.68
C VAL B 264 -12.11 0.98 -24.94
N LEU B 265 -11.95 2.29 -24.73
CA LEU B 265 -10.89 2.85 -23.90
C LEU B 265 -11.52 3.40 -22.64
N VAL B 266 -10.97 3.06 -21.49
CA VAL B 266 -11.44 3.61 -20.23
C VAL B 266 -10.42 4.61 -19.75
N SER B 267 -10.82 5.87 -19.66
CA SER B 267 -10.02 6.85 -18.93
C SER B 267 -10.32 6.59 -17.47
N ALA B 268 -9.53 5.71 -16.88
CA ALA B 268 -9.83 5.12 -15.58
C ALA B 268 -9.04 5.86 -14.51
N GLY B 269 -9.52 7.07 -14.17
CA GLY B 269 -9.09 7.69 -12.93
C GLY B 269 -9.77 7.01 -11.75
N PHE B 270 -9.08 6.94 -10.62
CA PHE B 270 -9.68 6.33 -9.44
C PHE B 270 -9.83 7.36 -8.32
N ASP B 271 -10.10 8.61 -8.71
CA ASP B 271 -10.29 9.67 -7.74
C ASP B 271 -11.74 9.86 -7.36
N ALA B 272 -12.67 9.12 -7.96
CA ALA B 272 -14.01 9.01 -7.39
C ALA B 272 -14.09 7.96 -6.29
N ALA B 273 -12.96 7.32 -5.96
CA ALA B 273 -12.94 6.21 -5.02
C ALA B 273 -13.13 6.67 -3.57
N ARG B 274 -13.80 5.83 -2.80
CA ARG B 274 -13.79 6.00 -1.35
C ARG B 274 -12.35 6.19 -0.85
N GLY B 275 -12.12 7.24 -0.07
CA GLY B 275 -10.80 7.54 0.47
C GLY B 275 -9.97 8.53 -0.32
N ASP B 276 -10.39 8.90 -1.53
CA ASP B 276 -9.61 9.86 -2.29
C ASP B 276 -9.55 11.20 -1.57
N PRO B 277 -8.38 11.84 -1.50
CA PRO B 277 -8.28 13.12 -0.78
C PRO B 277 -8.85 14.30 -1.57
N LEU B 278 -9.12 14.13 -2.86
CA LEU B 278 -9.60 15.23 -3.70
C LEU B 278 -11.01 15.04 -4.22
N GLY B 279 -11.42 13.81 -4.52
CA GLY B 279 -12.66 13.61 -5.25
C GLY B 279 -13.91 13.77 -4.39
N GLY B 280 -13.83 13.34 -3.14
CA GLY B 280 -14.97 13.46 -2.24
C GLY B 280 -16.10 12.48 -2.47
N PHE B 281 -15.90 11.44 -3.28
CA PHE B 281 -16.91 10.46 -3.62
C PHE B 281 -16.59 9.13 -2.93
N GLN B 282 -17.43 8.11 -3.16
CA GLN B 282 -17.24 6.86 -2.43
C GLN B 282 -17.48 5.62 -3.30
N VAL B 283 -17.03 5.64 -4.56
CA VAL B 283 -17.08 4.42 -5.34
C VAL B 283 -16.13 3.41 -4.73
N THR B 284 -16.58 2.16 -4.57
CA THR B 284 -15.78 1.12 -3.93
C THR B 284 -14.99 0.35 -4.98
N PRO B 285 -14.00 -0.44 -4.55
CA PRO B 285 -13.32 -1.31 -5.53
C PRO B 285 -14.30 -2.25 -6.21
N GLU B 286 -15.28 -2.78 -5.45
CA GLU B 286 -16.22 -3.69 -6.09
C GLU B 286 -17.11 -2.94 -7.08
N GLY B 287 -17.40 -1.68 -6.79
CA GLY B 287 -18.07 -0.82 -7.75
C GLY B 287 -17.30 -0.70 -9.06
N TYR B 288 -16.01 -0.36 -8.99
CA TYR B 288 -15.22 -0.29 -10.22
C TYR B 288 -15.17 -1.64 -10.94
N ALA B 289 -15.12 -2.73 -10.18
CA ALA B 289 -15.14 -4.04 -10.80
C ALA B 289 -16.41 -4.23 -11.60
N HIS B 290 -17.56 -3.88 -11.03
CA HIS B 290 -18.81 -4.00 -11.77
C HIS B 290 -18.84 -3.10 -12.99
N LEU B 291 -18.29 -1.89 -12.88
CA LEU B 291 -18.24 -1.03 -14.06
C LEU B 291 -17.39 -1.67 -15.15
N THR B 292 -16.23 -2.21 -14.76
CA THR B 292 -15.38 -2.89 -15.73
C THR B 292 -16.09 -4.07 -16.37
N HIS B 293 -16.72 -4.89 -15.54
CA HIS B 293 -17.37 -6.10 -16.04
C HIS B 293 -18.44 -5.76 -17.05
N GLN B 294 -19.16 -4.65 -16.85
CA GLN B 294 -20.19 -4.24 -17.78
C GLN B 294 -19.58 -3.80 -19.11
N LEU B 295 -18.51 -3.00 -19.08
CA LEU B 295 -17.89 -2.56 -20.33
C LEU B 295 -17.34 -3.74 -21.13
N MET B 296 -17.00 -4.83 -20.45
CA MET B 296 -16.45 -6.00 -21.10
C MET B 296 -17.45 -6.66 -22.04
N SER B 297 -18.73 -6.30 -21.92
CA SER B 297 -19.77 -6.83 -22.81
C SER B 297 -19.84 -6.10 -24.13
N LEU B 298 -19.03 -5.05 -24.31
CA LEU B 298 -18.96 -4.29 -25.54
C LEU B 298 -17.73 -4.68 -26.34
N ALA B 299 -17.78 -4.41 -27.64
CA ALA B 299 -16.61 -4.48 -28.53
C ALA B 299 -15.96 -5.85 -28.54
N ALA B 300 -16.76 -6.91 -28.37
CA ALA B 300 -16.24 -8.27 -28.28
C ALA B 300 -15.16 -8.37 -27.21
N GLY B 301 -15.33 -7.59 -26.14
CA GLY B 301 -14.43 -7.63 -25.00
C GLY B 301 -13.19 -6.80 -25.15
N ARG B 302 -13.02 -6.05 -26.23
CA ARG B 302 -11.79 -5.31 -26.49
C ARG B 302 -11.78 -4.02 -25.69
N VAL B 303 -11.27 -4.11 -24.45
CA VAL B 303 -11.26 -3.02 -23.48
C VAL B 303 -9.82 -2.74 -23.05
N LEU B 304 -9.41 -1.48 -23.12
CA LEU B 304 -8.13 -1.03 -22.57
C LEU B 304 -8.40 -0.06 -21.42
N ILE B 305 -7.91 -0.40 -20.24
CA ILE B 305 -8.10 0.42 -19.04
C ILE B 305 -6.85 1.25 -18.84
N ILE B 306 -6.99 2.58 -18.93
CA ILE B 306 -5.86 3.51 -18.86
C ILE B 306 -5.95 4.32 -17.57
N LEU B 307 -4.91 4.27 -16.74
CA LEU B 307 -4.89 5.06 -15.51
C LEU B 307 -4.89 6.56 -15.81
N GLU B 308 -5.79 7.28 -15.15
CA GLU B 308 -5.78 8.74 -15.21
C GLU B 308 -5.44 9.26 -13.82
N GLY B 309 -6.39 9.82 -13.11
CA GLY B 309 -6.16 10.34 -11.77
C GLY B 309 -6.44 9.30 -10.70
N GLY B 310 -6.55 9.79 -9.47
CA GLY B 310 -6.72 8.90 -8.34
C GLY B 310 -5.52 9.05 -7.42
N TYR B 311 -5.76 9.46 -6.16
CA TYR B 311 -4.69 9.97 -5.31
C TYR B 311 -4.57 9.35 -3.93
N ASN B 312 -5.48 8.46 -3.53
CA ASN B 312 -5.27 7.64 -2.35
C ASN B 312 -4.57 6.35 -2.80
N LEU B 313 -3.30 6.22 -2.42
CA LEU B 313 -2.49 5.12 -2.94
C LEU B 313 -3.12 3.76 -2.64
N THR B 314 -3.71 3.59 -1.46
CA THR B 314 -4.36 2.31 -1.18
C THR B 314 -5.63 2.15 -2.01
N SER B 315 -6.43 3.21 -2.11
CA SER B 315 -7.68 3.14 -2.86
CA SER B 315 -7.68 3.13 -2.86
C SER B 315 -7.43 2.84 -4.34
N ILE B 316 -6.46 3.54 -4.96
CA ILE B 316 -6.25 3.31 -6.39
C ILE B 316 -5.65 1.94 -6.64
N SER B 317 -4.82 1.46 -5.71
CA SER B 317 -4.20 0.14 -5.88
C SER B 317 -5.25 -0.96 -5.80
N GLU B 318 -6.13 -0.90 -4.81
CA GLU B 318 -7.18 -1.89 -4.73
C GLU B 318 -8.16 -1.77 -5.90
N SER B 319 -8.50 -0.53 -6.27
CA SER B 319 -9.54 -0.33 -7.28
C SER B 319 -9.08 -0.78 -8.66
N MET B 320 -7.89 -0.36 -9.09
CA MET B 320 -7.42 -0.80 -10.39
C MET B 320 -7.13 -2.29 -10.41
N SER B 321 -6.63 -2.86 -9.31
CA SER B 321 -6.41 -4.31 -9.25
CA SER B 321 -6.40 -4.31 -9.29
C SER B 321 -7.70 -5.07 -9.47
N MET B 322 -8.80 -4.58 -8.90
CA MET B 322 -10.06 -5.29 -9.10
C MET B 322 -10.56 -5.18 -10.54
N CYS B 323 -10.29 -4.06 -11.22
CA CYS B 323 -10.59 -3.97 -12.65
C CYS B 323 -9.82 -5.03 -13.44
N THR B 324 -8.52 -5.18 -13.15
CA THR B 324 -7.71 -6.18 -13.85
C THR B 324 -8.24 -7.59 -13.56
N SER B 325 -8.67 -7.83 -12.32
CA SER B 325 -9.28 -9.11 -12.01
C SER B 325 -10.49 -9.37 -12.90
N MET B 326 -11.29 -8.33 -13.15
CA MET B 326 -12.45 -8.48 -14.03
C MET B 326 -12.01 -8.80 -15.46
N LEU B 327 -11.03 -8.05 -15.96
CA LEU B 327 -10.51 -8.32 -17.30
C LEU B 327 -10.01 -9.76 -17.42
N LEU B 328 -9.45 -10.31 -16.36
CA LEU B 328 -8.93 -11.67 -16.40
C LEU B 328 -10.03 -12.72 -16.35
N GLY B 329 -11.28 -12.29 -16.19
CA GLY B 329 -12.39 -13.20 -16.20
C GLY B 329 -12.88 -13.64 -14.85
N ASP B 330 -12.37 -13.04 -13.78
CA ASP B 330 -12.87 -13.39 -12.46
C ASP B 330 -14.29 -12.87 -12.29
N SER B 331 -15.06 -13.57 -11.49
CA SER B 331 -16.44 -13.16 -11.34
C SER B 331 -16.53 -11.91 -10.46
N PRO B 332 -17.51 -11.04 -10.72
CA PRO B 332 -17.61 -9.78 -9.98
C PRO B 332 -17.81 -10.00 -8.49
N PRO B 333 -17.10 -9.26 -7.65
CA PRO B 333 -17.40 -9.29 -6.22
C PRO B 333 -18.78 -8.70 -5.97
N SER B 334 -19.34 -9.03 -4.81
CA SER B 334 -20.69 -8.58 -4.49
C SER B 334 -20.68 -7.14 -4.03
N LEU B 335 -21.55 -6.33 -4.62
CA LEU B 335 -21.75 -4.97 -4.16
C LEU B 335 -22.47 -4.97 -2.82
N ASP B 336 -22.31 -3.87 -2.11
CA ASP B 336 -23.05 -3.62 -0.89
C ASP B 336 -24.49 -3.27 -1.29
N THR B 339 -29.06 0.86 -1.82
CA THR B 339 -29.22 2.21 -1.29
C THR B 339 -29.89 3.12 -2.33
N PRO B 340 -30.96 3.82 -1.93
CA PRO B 340 -31.65 4.70 -2.88
C PRO B 340 -30.71 5.79 -3.39
N LEU B 341 -30.85 6.11 -4.68
CA LEU B 341 -30.04 7.17 -5.25
C LEU B 341 -30.25 8.48 -4.49
N LYS B 342 -29.15 9.20 -4.29
CA LYS B 342 -29.25 10.58 -3.89
C LYS B 342 -30.11 11.33 -4.90
N THR B 343 -31.02 12.17 -4.40
CA THR B 343 -32.05 12.72 -5.29
C THR B 343 -31.43 13.51 -6.43
N SER B 344 -30.36 14.24 -6.16
CA SER B 344 -29.73 15.02 -7.23
C SER B 344 -29.15 14.12 -8.32
N ALA B 345 -28.83 12.87 -8.00
CA ALA B 345 -28.31 11.96 -9.02
C ALA B 345 -29.39 11.55 -10.00
N THR B 346 -30.62 11.36 -9.52
CA THR B 346 -31.73 11.10 -10.44
C THR B 346 -31.96 12.30 -11.35
N VAL B 347 -31.85 13.51 -10.80
CA VAL B 347 -31.99 14.73 -11.60
C VAL B 347 -30.92 14.75 -12.70
N SER B 348 -29.68 14.48 -12.31
CA SER B 348 -28.59 14.48 -13.30
C SER B 348 -28.85 13.46 -14.40
N ILE B 349 -29.27 12.24 -14.04
CA ILE B 349 -29.49 11.21 -15.05
C ILE B 349 -30.64 11.59 -15.96
N ASN B 350 -31.69 12.20 -15.38
CA ASN B 350 -32.83 12.65 -16.17
C ASN B 350 -32.44 13.73 -17.17
N ASN B 351 -31.64 14.71 -16.73
CA ASN B 351 -31.15 15.74 -17.65
C ASN B 351 -30.38 15.14 -18.82
N VAL B 352 -29.53 14.16 -18.55
CA VAL B 352 -28.78 13.55 -19.65
C VAL B 352 -29.73 12.81 -20.58
N LEU B 353 -30.71 12.10 -20.00
CA LEU B 353 -31.68 11.38 -20.82
C LEU B 353 -32.41 12.33 -21.75
N ARG B 354 -32.80 13.50 -21.24
CA ARG B 354 -33.45 14.50 -22.08
C ARG B 354 -32.51 15.01 -23.16
N ALA B 355 -31.26 15.31 -22.78
CA ALA B 355 -30.32 15.88 -23.73
C ALA B 355 -29.94 14.90 -24.84
N HIS B 356 -29.99 13.59 -24.58
CA HIS B 356 -29.48 12.61 -25.54
C HIS B 356 -30.54 11.71 -26.15
N ALA B 357 -31.76 11.73 -25.65
CA ALA B 357 -32.86 11.04 -26.33
C ALA B 357 -33.00 11.43 -27.80
N PRO B 358 -32.78 12.68 -28.24
CA PRO B 358 -32.85 12.96 -29.68
C PRO B 358 -31.92 12.09 -30.51
N PHE B 359 -30.78 11.67 -29.96
CA PHE B 359 -29.74 11.02 -30.74
C PHE B 359 -29.64 9.51 -30.53
N TRP B 360 -30.15 9.00 -29.43
CA TRP B 360 -30.00 7.58 -29.10
C TRP B 360 -31.38 7.04 -28.82
N SER B 361 -31.88 6.20 -29.72
CA SER B 361 -33.25 5.71 -29.61
C SER B 361 -33.41 4.76 -28.44
N SER B 362 -32.33 4.24 -27.87
CA SER B 362 -32.46 3.35 -26.71
C SER B 362 -32.74 4.10 -25.41
N LEU B 363 -32.69 5.42 -25.41
CA LEU B 363 -33.02 6.20 -24.20
C LEU B 363 -34.52 6.50 -24.09
C02 QHO C . 13.09 -15.16 9.04
C03 QHO C . 11.74 -14.84 8.98
C04 QHO C . 11.09 -13.84 9.95
C08 QHO C . 10.95 -15.46 8.02
C09 QHO C . 11.50 -16.38 7.15
C11 QHO C . 12.85 -16.70 7.21
C12 QHO C . 13.65 -16.09 8.15
F01 QHO C . 13.89 -14.57 9.95
F10 QHO C . 10.71 -16.98 6.23
F13 QHO C . 14.98 -16.41 8.20
N05 QHO C . 11.40 -13.86 11.37
O06 QHO C . 10.79 -12.95 12.27
O07 QHO C . 10.28 -13.06 9.59
ZN ZN D . 8.85 -13.42 11.76
K K E . 6.85 -14.76 18.43
K K F . 13.32 -14.16 31.05
C02 QHO G . -6.33 17.80 -11.49
C03 QHO G . -6.87 16.72 -10.78
C04 QHO G . -7.19 15.37 -11.44
C08 QHO G . -7.18 16.91 -9.45
C09 QHO G . -6.94 18.14 -8.82
C11 QHO G . -6.39 19.20 -9.53
C12 QHO G . -6.09 19.02 -10.87
F01 QHO G . -6.03 17.68 -12.81
F10 QHO G . -7.22 18.30 -7.51
F13 QHO G . -5.55 20.09 -11.55
N05 QHO G . -7.76 15.30 -12.77
O06 QHO G . -8.06 14.05 -13.38
O07 QHO G . -7.04 14.34 -10.90
ZN ZN H . -9.21 13.34 -11.84
K K I . -14.72 11.82 -15.99
K K J . -17.26 12.82 -29.93
#